data_9B5Y
#
_entry.id   9B5Y
#
_cell.length_a   1.00
_cell.length_b   1.00
_cell.length_c   1.00
_cell.angle_alpha   90.00
_cell.angle_beta   90.00
_cell.angle_gamma   90.00
#
_symmetry.space_group_name_H-M   'P 1'
#
loop_
_entity.id
_entity.type
_entity.pdbx_description
1 polymer 'Parathyroid hormone/parathyroid hormone-related peptide receptor'
2 polymer 'Guanine nucleotide-binding protein G(q)'
3 polymer 'Long-acting parathyroid hormone analog'
4 polymer 'Guanine nucleotide-binding protein G(I)/G(S)/G(T) subunit beta-1'
5 polymer scFv16
6 polymer 'Guanine nucleotide-binding protein G(I)/G(S)/G(O) subunit gamma-2'
#
loop_
_entity_poly.entity_id
_entity_poly.type
_entity_poly.pdbx_seq_one_letter_code
_entity_poly.pdbx_strand_id
1 'polypeptide(L)'
;DYKDDDDGQPGNGSAFLLAPNGSHAPDHNVTQQRDEENLYFQGVDGGSGGSGGDADDVMTKEEQIFLLHRAQAQCEKRLK
EVLQRPASIMESDKGWTSASTSGKPRKDKASGKLYPESEEDKEAPTGSRYRGRPCLPEWDHILCWPLGAPGEVVAVPCPD
YIYDFNHKGHAYRRCDRNGSWELVPGHNRTWANYSECVKFLTNETREREVFDRLGMIYTVGYSVSLASLTVAVLILAYFR
RLHCTRNYIHMHLFLSFMLRAVSIFVKDAVLYSGATLDEAERLTEEELRAIAQAPPPPATAAAGYAGCRVAVTFFLYFLA
TNYYWILVEGLYLHSLIFMAFFSEKKYLWGFTVFGWGLPAVFVAVWVSVRATLANTGCWDLSSGNKKWIIQVPILASIVL
NFILFINIVRVLATKLRETNAGRCDTRQQYRKLLKSTLVLMPLFGVHYIVFMATPYTEVSGTLWQVQMHYEMLFNSFQGF
FVAIIYCFCNGEVQAEIKKSWSRWTLALDFKRKARSGSSSYSYGAAAVFTLEDFVGDWEQTAAYNLDQVLEQGGVSSLLQ
NLAVSVTPIQRIVRSGENALKIDIHVIIPYEGLSADQMAQIEEVFKVVYPVDDHHFKVILPYGTLVIDGVTPNMLNYFGR
PYEGIAVFDGKKITVTGTLWNGNKIIDERLITPDGSMLFRVTINSHHHHHHHH
;
R
2 'polypeptide(L)'
;MGCTLSAEDKAAVERSKMIDRNLREDGEKARRELKLLLLGTGESGKSTFIKQMRIIHGSGYSDEDKRGFTKLVYQNIFTA
MQAMIRAMDTLKIPYKYEHNKAHAQLVREVDVEKVSAFENPYVDAIKSLWNDPGIQECYDRRREYQLSDSTKYYLNDLDR
VADPAYLPTQQDVLRVRVPTTGIIEYPFDLQSVIFRMVDVGGQRSERRKWIHCFENVTSIMFLVALSEYDQVLVESDNEN
RMEESKALFRTIITYPWFQNSSVILFLNKKDLLEEKIMYSHLVDYFPEYDGPQRDAQAAREFILKMFVDLNPDSDKIIYS
HFTCATDTENIRFVFAAVKDTILQLNLKEYNLV
;
A
3 'polypeptide(L)' AVAEIQLMHQRAKWIQDARRRAFLHKLIAEIHTAEI L
4 'polypeptide(L)'
;MHHHHHHGSLLQSELDQLRQEAEQLKNQIRDARKACADATLSQITNNIDPVGRIQMRTRRTLRGHLAKIYAMHWGTDSRL
LVSASQDGKLIIWDSYTTNKVHAIPLRSSWVMTCAYAPSGNYVACGGLDNICSIYNLKTREGNVRVSRELAGHTGYLSCC
RFLDDNQIVTSSGDTTCALWDIETGQQTTTFTGHTGDVMSLSLAPDTRLFVSGACDASAKLWDVREGMCRQTFTGHESDI
NAICFFPNGNAFATGSDDATCRLFDLRADQELMTYSHDNIICGITSVSFSKSGRLLLAGYDDFNCNVWDALKADRAGVLA
GHDNRVSCLGVTDDGMAVATGSWDSFLKIWN
;
B
5 'polypeptide(L)'
;VQLVESGGGLVQPGGSRKLSCSASGFAFSSFGMHWVRQAPEKGLEWVAYISSGSGTIYYADTVKGRFTISRDDPKNTLFL
QMTSLRSEDTAMYYCVRSIYYYGSSPFDFWGQGTTLTVSAGGGGSGGGGSGGGGSADIVMTQATSSVPVTPGESVSISCR
SSKSLLHSNGNTYLYWFLQRPGQSPQLLIYRMSNLASGVPDRFSGSGSGTAFTLTISRLEAEDVGVYYCMQHLEYPLTFG
AGTKLELLEENLYFQGASHHHHHHHH
;
N
6 'polypeptide(L)' MASNNTASIAQARKLVEQLKMEANIDRIKVSKAAADLMAYCEAHAKEDPLLTPVPASENPFREKKFFCAIL G
#
# COMPACT_ATOMS: atom_id res chain seq x y z
N GLU A 204 37.11 47.81 26.63
CA GLU A 204 38.45 47.51 26.14
C GLU A 204 39.27 46.78 27.19
N THR A 205 38.58 46.20 28.17
CA THR A 205 39.21 45.46 29.25
C THR A 205 39.33 44.00 28.83
N ARG A 206 39.58 43.11 29.80
CA ARG A 206 39.62 41.67 29.54
C ARG A 206 38.27 41.15 29.07
N GLU A 207 37.29 42.04 28.96
CA GLU A 207 36.02 41.67 28.34
C GLU A 207 36.21 41.24 26.90
N ARG A 208 37.31 41.64 26.25
CA ARG A 208 37.64 41.06 24.95
C ARG A 208 37.92 39.57 25.08
N GLU A 209 38.65 39.17 26.12
CA GLU A 209 38.84 37.76 26.39
C GLU A 209 37.53 37.09 26.76
N VAL A 210 36.63 37.82 27.44
CA VAL A 210 35.31 37.28 27.74
C VAL A 210 34.57 36.95 26.46
N PHE A 211 34.58 37.89 25.51
CA PHE A 211 33.93 37.66 24.23
C PHE A 211 34.57 36.52 23.46
N ASP A 212 35.91 36.46 23.48
CA ASP A 212 36.60 35.38 22.77
C ASP A 212 36.24 34.02 23.36
N ARG A 213 36.19 33.92 24.68
CA ARG A 213 35.79 32.66 25.31
C ARG A 213 34.33 32.32 24.99
N LEU A 214 33.51 33.37 24.95
CA LEU A 214 32.06 33.18 24.71
C LEU A 214 31.93 32.64 23.33
N GLY A 215 32.85 33.06 22.47
CA GLY A 215 32.81 32.48 21.13
C GLY A 215 33.29 31.05 21.23
N MET A 216 34.27 30.82 22.11
CA MET A 216 34.87 29.47 22.12
C MET A 216 33.78 28.47 22.45
N ILE A 217 33.02 28.72 23.49
CA ILE A 217 32.02 27.72 23.92
C ILE A 217 30.98 27.57 22.81
N TYR A 218 30.55 28.68 22.22
CA TYR A 218 29.43 28.45 21.32
C TYR A 218 29.90 27.85 20.00
N THR A 219 31.15 28.11 19.60
CA THR A 219 31.72 27.42 18.45
C THR A 219 31.81 25.93 18.69
N VAL A 220 32.35 25.51 19.84
CA VAL A 220 32.47 24.07 20.07
C VAL A 220 31.10 23.44 20.24
N GLY A 221 30.18 24.16 20.86
CA GLY A 221 28.83 23.62 21.01
C GLY A 221 28.17 23.37 19.68
N TYR A 222 28.24 24.34 18.76
CA TYR A 222 27.59 24.14 17.47
C TYR A 222 28.36 23.14 16.62
N SER A 223 29.68 23.04 16.79
CA SER A 223 30.44 22.03 16.08
C SER A 223 29.99 20.64 16.48
N VAL A 224 29.79 20.40 17.78
CA VAL A 224 29.26 19.12 18.22
C VAL A 224 27.84 18.92 17.72
N SER A 225 27.01 19.96 17.83
CA SER A 225 25.59 19.84 17.50
C SER A 225 25.38 19.51 16.02
N LEU A 226 26.20 20.09 15.13
CA LEU A 226 26.00 19.85 13.71
C LEU A 226 26.09 18.38 13.38
N ALA A 227 27.15 17.71 13.83
CA ALA A 227 27.28 16.28 13.57
C ALA A 227 26.22 15.48 14.32
N SER A 228 25.94 15.86 15.57
CA SER A 228 24.99 15.09 16.37
C SER A 228 23.59 15.15 15.78
N LEU A 229 23.26 16.21 15.04
CA LEU A 229 21.97 16.30 14.39
C LEU A 229 21.98 15.77 12.97
N THR A 230 23.12 15.86 12.28
CA THR A 230 23.24 15.26 10.95
C THR A 230 23.07 13.75 11.02
N VAL A 231 23.67 13.12 12.04
CA VAL A 231 23.53 11.67 12.20
C VAL A 231 22.07 11.33 12.44
N ALA A 232 21.38 12.12 13.25
CA ALA A 232 19.97 11.89 13.51
C ALA A 232 19.12 12.04 12.25
N VAL A 233 19.39 13.08 11.46
CA VAL A 233 18.64 13.28 10.22
C VAL A 233 18.86 12.11 9.27
N LEU A 234 20.12 11.67 9.15
CA LEU A 234 20.41 10.55 8.25
C LEU A 234 19.74 9.27 8.71
N ILE A 235 19.78 8.98 10.02
CA ILE A 235 19.17 7.75 10.51
C ILE A 235 17.65 7.81 10.40
N LEU A 236 17.07 9.00 10.49
CA LEU A 236 15.62 9.14 10.34
C LEU A 236 15.19 9.06 8.88
N ALA A 237 16.02 9.54 7.96
CA ALA A 237 15.63 9.59 6.55
C ALA A 237 15.90 8.26 5.85
N TYR A 238 17.11 7.71 6.01
CA TYR A 238 17.45 6.46 5.34
C TYR A 238 16.57 5.32 5.83
N PHE A 239 16.31 5.26 7.13
CA PHE A 239 15.49 4.20 7.71
C PHE A 239 14.02 4.59 7.56
N ARG A 240 13.32 3.93 6.63
CA ARG A 240 11.90 4.19 6.44
C ARG A 240 11.05 3.56 7.54
N ARG A 241 11.60 2.61 8.29
CA ARG A 241 10.85 1.99 9.38
C ARG A 241 10.51 3.01 10.47
N LEU A 242 11.47 3.87 10.81
CA LEU A 242 11.27 4.87 11.87
C LEU A 242 10.70 6.15 11.26
N HIS A 243 9.47 6.04 10.78
CA HIS A 243 8.79 7.14 10.10
C HIS A 243 7.39 7.30 10.67
N CYS A 244 7.01 8.53 10.96
CA CYS A 244 5.68 8.90 11.40
C CYS A 244 5.58 10.41 11.34
N THR A 245 4.42 10.94 11.75
CA THR A 245 4.30 12.39 11.87
C THR A 245 5.26 12.93 12.93
N ARG A 246 5.38 12.23 14.06
CA ARG A 246 6.28 12.66 15.11
C ARG A 246 7.73 12.67 14.63
N ASN A 247 8.14 11.62 13.92
CA ASN A 247 9.51 11.56 13.44
C ASN A 247 9.75 12.57 12.32
N TYR A 248 8.73 12.88 11.53
CA TYR A 248 8.88 13.92 10.52
C TYR A 248 9.06 15.28 11.16
N ILE A 249 8.29 15.58 12.21
CA ILE A 249 8.50 16.83 12.93
C ILE A 249 9.88 16.84 13.58
N HIS A 250 10.33 15.70 14.09
CA HIS A 250 11.69 15.60 14.62
C HIS A 250 12.72 15.92 13.55
N MET A 251 12.55 15.37 12.35
CA MET A 251 13.51 15.61 11.28
C MET A 251 13.53 17.08 10.89
N HIS A 252 12.35 17.70 10.82
CA HIS A 252 12.29 19.12 10.49
C HIS A 252 12.97 19.96 11.56
N LEU A 253 12.76 19.63 12.83
CA LEU A 253 13.40 20.39 13.90
C LEU A 253 14.91 20.18 13.90
N PHE A 254 15.36 18.97 13.60
CA PHE A 254 16.80 18.71 13.50
C PHE A 254 17.40 19.54 12.37
N LEU A 255 16.69 19.64 11.24
CA LEU A 255 17.13 20.49 10.15
C LEU A 255 17.16 21.95 10.58
N SER A 256 16.20 22.36 11.40
CA SER A 256 16.19 23.75 11.88
C SER A 256 17.43 24.03 12.72
N PHE A 257 17.76 23.11 13.62
CA PHE A 257 18.97 23.25 14.43
C PHE A 257 20.22 23.29 13.56
N MET A 258 20.30 22.40 12.56
CA MET A 258 21.47 22.36 11.70
C MET A 258 21.61 23.66 10.90
N LEU A 259 20.51 24.15 10.35
CA LEU A 259 20.56 25.39 9.58
C LEU A 259 20.95 26.57 10.46
N ARG A 260 20.44 26.61 11.70
CA ARG A 260 20.84 27.68 12.59
C ARG A 260 22.33 27.61 12.92
N ALA A 261 22.84 26.41 13.14
CA ALA A 261 24.27 26.26 13.41
C ALA A 261 25.11 26.72 12.23
N VAL A 262 24.71 26.31 11.01
CA VAL A 262 25.45 26.71 9.82
C VAL A 262 25.41 28.22 9.66
N SER A 263 24.24 28.83 9.87
CA SER A 263 24.11 30.27 9.69
C SER A 263 24.93 31.03 10.73
N ILE A 264 24.93 30.57 11.99
CA ILE A 264 25.69 31.28 13.00
C ILE A 264 27.18 31.13 12.77
N PHE A 265 27.63 29.97 12.27
CA PHE A 265 29.02 29.82 11.89
C PHE A 265 29.38 30.75 10.74
N VAL A 266 28.50 30.85 9.75
CA VAL A 266 28.78 31.72 8.60
C VAL A 266 28.86 33.18 9.05
N LYS A 267 27.94 33.60 9.91
CA LYS A 267 27.98 34.97 10.41
C LYS A 267 29.24 35.22 11.22
N ASP A 268 29.66 34.25 12.05
CA ASP A 268 30.89 34.41 12.81
C ASP A 268 32.08 34.52 11.87
N ALA A 269 32.11 33.73 10.80
CA ALA A 269 33.19 33.80 9.83
C ALA A 269 33.19 35.15 9.13
N VAL A 270 32.01 35.71 8.86
CA VAL A 270 31.93 37.01 8.21
C VAL A 270 32.55 38.08 9.09
N LEU A 271 32.14 38.11 10.36
CA LEU A 271 32.74 39.04 11.32
C LEU A 271 32.79 38.40 12.70
N ALA A 306 24.83 45.69 2.07
CA ALA A 306 25.96 44.93 1.59
C ALA A 306 25.68 43.43 1.63
N GLY A 307 26.67 42.62 1.25
CA GLY A 307 26.51 41.18 1.31
C GLY A 307 26.41 40.64 2.73
N CYS A 308 26.92 41.39 3.70
CA CYS A 308 26.75 41.01 5.10
C CYS A 308 25.31 41.12 5.54
N ARG A 309 24.52 41.98 4.89
CA ARG A 309 23.12 42.15 5.28
C ARG A 309 22.33 40.86 5.05
N VAL A 310 22.63 40.15 3.96
CA VAL A 310 21.97 38.87 3.71
C VAL A 310 22.32 37.88 4.81
N ALA A 311 23.58 37.85 5.23
CA ALA A 311 24.00 36.91 6.28
C ALA A 311 23.30 37.21 7.60
N VAL A 312 23.21 38.48 7.98
CA VAL A 312 22.60 38.83 9.26
C VAL A 312 21.13 38.43 9.30
N THR A 313 20.39 38.81 8.25
CA THR A 313 18.96 38.49 8.22
C THR A 313 18.74 36.99 8.07
N PHE A 314 19.62 36.29 7.35
CA PHE A 314 19.49 34.84 7.26
C PHE A 314 19.69 34.18 8.62
N PHE A 315 20.68 34.65 9.38
CA PHE A 315 20.90 34.12 10.72
C PHE A 315 19.71 34.39 11.61
N LEU A 316 19.13 35.59 11.52
CA LEU A 316 17.95 35.90 12.31
C LEU A 316 16.78 34.99 11.94
N TYR A 317 16.56 34.78 10.65
CA TYR A 317 15.47 33.93 10.21
C TYR A 317 15.67 32.48 10.67
N PHE A 318 16.90 31.98 10.58
CA PHE A 318 17.17 30.60 11.00
C PHE A 318 16.99 30.43 12.50
N LEU A 319 17.51 31.37 13.29
CA LEU A 319 17.32 31.30 14.73
C LEU A 319 15.85 31.32 15.08
N ALA A 320 15.08 32.19 14.41
CA ALA A 320 13.65 32.22 14.65
C ALA A 320 12.99 30.91 14.24
N THR A 321 13.44 30.31 13.14
CA THR A 321 12.78 29.09 12.68
C THR A 321 13.04 27.92 13.62
N ASN A 322 14.21 27.85 14.24
CA ASN A 322 14.43 26.82 15.23
C ASN A 322 13.64 27.09 16.51
N TYR A 323 13.69 28.32 17.01
CA TYR A 323 12.91 28.66 18.20
C TYR A 323 11.42 28.47 17.98
N TYR A 324 10.96 28.51 16.73
CA TYR A 324 9.55 28.30 16.42
C TYR A 324 9.22 26.84 16.17
N TRP A 325 10.16 26.05 15.63
CA TRP A 325 9.92 24.62 15.55
C TRP A 325 9.88 23.98 16.94
N ILE A 326 10.57 24.57 17.91
CA ILE A 326 10.41 24.10 19.29
C ILE A 326 8.95 24.23 19.74
N LEU A 327 8.35 25.40 19.48
CA LEU A 327 6.94 25.59 19.79
C LEU A 327 6.05 24.69 18.96
N VAL A 328 6.43 24.41 17.71
CA VAL A 328 5.66 23.49 16.89
C VAL A 328 5.64 22.10 17.52
N GLU A 329 6.79 21.64 18.02
CA GLU A 329 6.84 20.37 18.73
C GLU A 329 5.98 20.39 20.00
N GLY A 330 6.05 21.47 20.75
CA GLY A 330 5.19 21.59 21.92
C GLY A 330 3.72 21.48 21.56
N LEU A 331 3.32 22.17 20.50
CA LEU A 331 1.92 22.15 20.06
C LEU A 331 1.54 20.76 19.56
N TYR A 332 2.45 19.98 19.03
CA TYR A 332 2.04 18.61 18.64
C TYR A 332 1.63 17.85 19.90
N LEU A 333 2.50 17.83 20.90
CA LEU A 333 2.25 16.98 22.10
C LEU A 333 1.00 17.44 22.86
N HIS A 334 0.78 18.73 23.01
CA HIS A 334 -0.46 19.13 23.70
C HIS A 334 -1.59 18.83 22.75
N SER A 335 -1.29 18.19 21.63
CA SER A 335 -2.42 17.76 20.76
C SER A 335 -2.39 16.23 20.59
N LEU A 336 -1.20 15.67 20.39
CA LEU A 336 -1.03 14.20 20.21
C LEU A 336 -1.78 13.51 21.34
N ILE A 337 -1.29 13.68 22.56
CA ILE A 337 -1.92 12.95 23.69
C ILE A 337 -2.99 13.83 24.32
N PHE A 338 -2.65 15.04 24.74
CA PHE A 338 -3.66 15.85 25.46
C PHE A 338 -4.61 16.48 24.45
N MET A 339 -5.83 16.81 24.86
CA MET A 339 -6.77 17.53 23.95
C MET A 339 -6.95 16.70 22.67
N ALA A 340 -6.77 17.34 21.50
CA ALA A 340 -6.97 16.63 20.21
C ALA A 340 -6.54 15.16 20.33
N PHE A 342 -7.03 13.41 15.08
CA PHE A 342 -6.23 12.95 13.91
C PHE A 342 -5.65 14.15 13.18
N SER A 343 -6.35 14.63 12.14
CA SER A 343 -5.86 15.80 11.35
C SER A 343 -4.42 15.51 10.91
N GLU A 344 -4.17 14.32 10.37
CA GLU A 344 -2.79 13.91 9.99
C GLU A 344 -2.24 14.81 8.87
N LYS A 345 -3.05 15.19 7.88
CA LYS A 345 -2.57 16.14 6.85
C LYS A 345 -2.29 17.46 7.54
N LYS A 346 -3.19 17.86 8.43
CA LYS A 346 -3.03 19.12 9.18
C LYS A 346 -1.86 18.93 10.16
N TYR A 347 -1.29 20.01 10.69
CA TYR A 347 -0.21 19.90 11.70
C TYR A 347 1.06 19.38 11.04
N LEU A 348 1.07 18.18 10.48
CA LEU A 348 2.33 17.77 9.81
C LEU A 348 2.52 18.76 8.66
N TRP A 349 1.48 18.97 7.85
CA TRP A 349 1.61 20.03 6.82
C TRP A 349 1.25 21.37 7.45
N GLY A 350 0.23 21.37 8.32
CA GLY A 350 -0.22 22.67 8.84
C GLY A 350 0.91 23.37 9.57
N PHE A 351 1.66 22.64 10.41
CA PHE A 351 2.70 23.39 11.16
C PHE A 351 3.91 23.62 10.27
N THR A 352 4.01 22.95 9.12
CA THR A 352 5.23 23.28 8.33
C THR A 352 5.18 24.77 8.07
N VAL A 353 4.08 25.25 7.49
CA VAL A 353 3.87 26.69 7.30
C VAL A 353 4.21 27.44 8.58
N PHE A 354 3.77 26.93 9.72
CA PHE A 354 4.00 27.67 11.00
C PHE A 354 5.48 27.71 11.35
N GLY A 355 6.15 26.56 11.39
CA GLY A 355 7.56 26.53 11.84
C GLY A 355 8.51 27.31 10.97
N TRP A 356 8.43 27.18 9.65
CA TRP A 356 9.45 27.85 8.80
C TRP A 356 8.88 29.18 8.33
N GLY A 357 7.64 29.15 7.84
CA GLY A 357 6.97 30.35 7.31
C GLY A 357 6.66 31.48 8.28
N LEU A 358 6.09 31.19 9.45
CA LEU A 358 5.64 32.31 10.32
C LEU A 358 6.80 33.22 10.76
N PRO A 359 7.97 32.73 11.22
CA PRO A 359 9.07 33.64 11.56
C PRO A 359 9.55 34.39 10.32
N ALA A 360 9.67 33.68 9.19
CA ALA A 360 10.19 34.31 7.96
C ALA A 360 9.37 35.55 7.65
N VAL A 361 8.07 35.44 7.84
CA VAL A 361 7.15 36.55 7.61
C VAL A 361 7.63 37.79 8.38
N PHE A 362 8.01 37.60 9.63
CA PHE A 362 8.51 38.73 10.41
C PHE A 362 9.85 39.24 9.88
N VAL A 363 10.71 38.33 9.42
CA VAL A 363 11.98 38.73 8.83
C VAL A 363 11.74 39.59 7.60
N ALA A 364 10.78 39.19 6.75
CA ALA A 364 10.41 40.01 5.61
C ALA A 364 9.79 41.33 6.06
N VAL A 365 9.04 41.31 7.17
CA VAL A 365 8.51 42.54 7.74
C VAL A 365 9.60 43.43 8.30
N TRP A 366 10.80 42.90 8.47
CA TRP A 366 11.95 43.70 8.90
C TRP A 366 12.56 44.42 7.71
N VAL A 367 11.71 45.06 6.90
CA VAL A 367 12.13 45.87 5.76
C VAL A 367 11.29 47.14 5.77
N SER A 368 11.68 48.08 4.90
CA SER A 368 11.17 49.45 4.90
C SER A 368 11.53 50.12 6.21
N VAL A 369 12.24 49.40 7.07
CA VAL A 369 12.82 49.93 8.29
C VAL A 369 14.33 49.72 8.31
N ARG A 370 14.79 48.54 7.90
CA ARG A 370 16.22 48.28 7.81
C ARG A 370 16.89 49.21 6.81
N ALA A 371 16.26 49.40 5.65
CA ALA A 371 16.77 50.32 4.63
C ALA A 371 16.31 51.75 4.85
N THR A 372 15.53 52.00 5.90
CA THR A 372 15.05 53.34 6.21
C THR A 372 15.97 54.07 7.18
N LEU A 373 16.37 53.41 8.26
CA LEU A 373 17.17 54.03 9.31
C LEU A 373 18.44 53.25 9.55
N ALA A 374 19.56 53.97 9.62
CA ALA A 374 20.86 53.42 10.03
C ALA A 374 21.29 52.27 9.13
N ASN A 375 21.02 52.37 7.83
CA ASN A 375 21.51 51.39 6.88
C ASN A 375 22.87 51.80 6.32
N THR A 376 23.82 52.08 7.22
CA THR A 376 25.13 52.55 6.79
C THR A 376 25.94 51.45 6.13
N GLY A 377 25.93 50.26 6.70
CA GLY A 377 26.71 49.16 6.16
C GLY A 377 25.87 47.98 5.73
N CYS A 378 25.97 46.87 6.47
CA CYS A 378 25.22 45.65 6.19
C CYS A 378 24.06 45.47 7.17
N TRP A 379 23.56 46.57 7.74
CA TRP A 379 22.54 46.53 8.78
C TRP A 379 22.97 45.57 9.90
N ASP A 380 24.11 45.89 10.48
CA ASP A 380 24.77 45.12 11.52
C ASP A 380 24.08 45.20 12.87
N LEU A 381 22.88 45.79 12.94
CA LEU A 381 22.08 45.81 14.16
C LEU A 381 22.84 46.50 15.30
N SER A 382 23.01 47.79 15.13
CA SER A 382 23.66 48.63 16.13
C SER A 382 22.72 49.06 17.24
N SER A 383 21.62 48.33 17.44
CA SER A 383 20.64 48.61 18.50
C SER A 383 20.03 50.01 18.32
N GLY A 384 19.37 50.20 17.19
CA GLY A 384 18.75 51.47 16.88
C GLY A 384 17.30 51.52 17.31
N ASN A 385 16.92 50.61 18.21
CA ASN A 385 15.55 50.50 18.73
C ASN A 385 14.55 50.16 17.64
N LYS A 386 15.03 49.66 16.51
CA LYS A 386 14.19 49.27 15.39
C LYS A 386 14.27 47.76 15.12
N LYS A 387 14.58 46.99 16.14
CA LYS A 387 14.85 45.56 16.01
C LYS A 387 14.12 44.80 17.13
N TRP A 388 12.88 45.18 17.38
CA TRP A 388 12.01 44.44 18.28
C TRP A 388 11.02 43.56 17.54
N ILE A 389 10.92 43.69 16.22
CA ILE A 389 10.05 42.83 15.43
C ILE A 389 10.57 41.41 15.33
N ILE A 390 11.81 41.18 15.75
CA ILE A 390 12.41 39.85 15.70
C ILE A 390 12.51 39.19 17.07
N GLN A 391 12.39 39.97 18.15
CA GLN A 391 12.49 39.42 19.50
C GLN A 391 11.15 39.21 20.17
N VAL A 392 10.10 39.87 19.70
CA VAL A 392 8.76 39.71 20.28
C VAL A 392 8.15 38.37 19.85
N PRO A 393 8.15 38.00 18.56
CA PRO A 393 7.63 36.66 18.21
C PRO A 393 8.40 35.54 18.86
N ILE A 394 9.72 35.69 19.01
CA ILE A 394 10.51 34.65 19.64
C ILE A 394 10.21 34.58 21.14
N LEU A 395 10.10 35.74 21.79
CA LEU A 395 9.74 35.75 23.19
C LEU A 395 8.35 35.16 23.42
N ALA A 396 7.45 35.31 22.44
CA ALA A 396 6.15 34.67 22.53
C ALA A 396 6.27 33.16 22.35
N SER A 397 7.13 32.72 21.44
CA SER A 397 7.33 31.29 21.22
C SER A 397 7.87 30.62 22.47
N ILE A 398 8.81 31.27 23.17
CA ILE A 398 9.32 30.72 24.42
C ILE A 398 8.20 30.64 25.46
N VAL A 399 7.37 31.68 25.54
CA VAL A 399 6.36 31.73 26.59
C VAL A 399 5.32 30.63 26.41
N LEU A 400 4.86 30.43 25.18
CA LEU A 400 3.87 29.38 24.94
C LEU A 400 4.46 28.01 25.24
N ASN A 401 5.74 27.82 24.98
CA ASN A 401 6.38 26.55 25.32
C ASN A 401 6.38 26.31 26.82
N PHE A 402 6.61 27.37 27.61
CA PHE A 402 6.61 27.21 29.06
C PHE A 402 5.23 26.83 29.58
N ILE A 403 4.18 27.47 29.05
CA ILE A 403 2.81 27.15 29.47
C ILE A 403 2.47 25.73 29.06
N LEU A 404 2.84 25.34 27.84
CA LEU A 404 2.59 23.97 27.39
C LEU A 404 3.31 22.96 28.25
N PHE A 405 4.57 23.25 28.60
CA PHE A 405 5.35 22.35 29.45
C PHE A 405 4.70 22.20 30.81
N ILE A 406 4.28 23.32 31.40
CA ILE A 406 3.66 23.28 32.73
C ILE A 406 2.37 22.47 32.68
N ASN A 407 1.53 22.72 31.66
CA ASN A 407 0.27 22.01 31.56
C ASN A 407 0.48 20.51 31.36
N ILE A 408 1.43 20.14 30.48
CA ILE A 408 1.65 18.72 30.20
C ILE A 408 2.21 18.02 31.42
N VAL A 409 3.16 18.63 32.12
CA VAL A 409 3.72 17.96 33.29
C VAL A 409 2.69 17.90 34.41
N ARG A 410 1.82 18.92 34.54
CA ARG A 410 0.79 18.88 35.56
C ARG A 410 -0.22 17.77 35.27
N VAL A 411 -0.61 17.60 34.00
CA VAL A 411 -1.51 16.51 33.63
C VAL A 411 -0.87 15.15 33.78
N LEU A 412 0.40 15.00 33.40
CA LEU A 412 1.10 13.71 33.44
C LEU A 412 1.44 13.28 34.86
N ALA A 413 1.82 14.22 35.73
CA ALA A 413 2.18 13.86 37.10
C ALA A 413 0.99 13.28 37.84
N THR A 414 -0.19 13.89 37.68
CA THR A 414 -1.39 13.35 38.30
C THR A 414 -1.73 11.98 37.74
N LYS A 415 -1.63 11.81 36.42
CA LYS A 415 -1.89 10.52 35.81
C LYS A 415 -0.87 9.48 36.25
N LEU A 416 0.40 9.88 36.34
CA LEU A 416 1.44 8.95 36.80
C LEU A 416 1.19 8.53 38.24
N ARG A 417 0.78 9.47 39.10
CA ARG A 417 0.50 9.18 40.50
C ARG A 417 -0.92 8.71 40.74
N GLU A 418 -1.76 8.67 39.70
CA GLU A 418 -3.15 8.24 39.82
C GLU A 418 -3.91 9.03 40.87
N GLN A 429 8.70 4.60 40.19
CA GLN A 429 8.04 5.46 41.16
C GLN A 429 8.11 6.92 40.74
N TYR A 430 8.54 7.79 41.66
CA TYR A 430 8.65 9.21 41.36
C TYR A 430 9.83 9.51 40.44
N ARG A 431 10.78 8.59 40.32
CA ARG A 431 11.90 8.80 39.41
C ARG A 431 11.45 8.84 37.95
N LYS A 432 10.35 8.16 37.63
CA LYS A 432 9.83 8.19 36.26
C LYS A 432 9.37 9.59 35.88
N LEU A 433 8.71 10.29 36.80
CA LEU A 433 8.30 11.66 36.52
C LEU A 433 9.50 12.57 36.29
N LEU A 434 10.54 12.42 37.12
CA LEU A 434 11.75 13.22 36.94
C LEU A 434 12.40 12.92 35.60
N LYS A 435 12.45 11.64 35.21
CA LYS A 435 13.02 11.27 33.92
C LYS A 435 12.22 11.87 32.77
N SER A 436 10.89 11.84 32.86
CA SER A 436 10.05 12.43 31.83
C SER A 436 10.27 13.94 31.75
N THR A 437 10.38 14.61 32.90
CA THR A 437 10.62 16.04 32.90
C THR A 437 11.97 16.39 32.29
N LEU A 438 13.01 15.62 32.62
CA LEU A 438 14.34 15.88 32.11
C LEU A 438 14.51 15.48 30.64
N VAL A 439 13.65 14.58 30.13
CA VAL A 439 13.71 14.18 28.73
C VAL A 439 12.74 14.97 27.87
N LEU A 440 11.81 15.72 28.47
CA LEU A 440 10.91 16.58 27.73
C LEU A 440 11.34 18.03 27.71
N MET A 441 12.06 18.48 28.73
CA MET A 441 12.48 19.88 28.79
C MET A 441 13.38 20.29 27.63
N PRO A 442 14.42 19.54 27.24
CA PRO A 442 15.27 20.02 26.15
C PRO A 442 14.53 20.25 24.84
N LEU A 443 13.55 19.40 24.51
CA LEU A 443 12.83 19.58 23.25
C LEU A 443 11.74 20.62 23.36
N PHE A 444 11.12 20.74 24.54
CA PHE A 444 10.06 21.73 24.71
C PHE A 444 10.61 23.15 24.84
N GLY A 445 11.92 23.31 24.92
CA GLY A 445 12.50 24.63 24.99
C GLY A 445 12.22 25.36 26.29
N VAL A 446 12.29 24.65 27.41
CA VAL A 446 12.21 25.30 28.72
C VAL A 446 13.59 25.71 29.23
N HIS A 447 14.67 25.21 28.61
CA HIS A 447 16.01 25.52 29.08
C HIS A 447 16.36 27.00 28.91
N TYR A 448 15.62 27.73 28.07
CA TYR A 448 15.72 29.19 28.03
C TYR A 448 14.43 29.86 28.46
N ILE A 449 13.55 29.13 29.17
CA ILE A 449 12.38 29.77 29.76
C ILE A 449 12.81 30.78 30.81
N VAL A 450 13.80 30.42 31.63
CA VAL A 450 14.45 31.37 32.50
C VAL A 450 15.41 32.24 31.70
N PHE A 451 15.75 33.41 32.24
CA PHE A 451 16.50 34.44 31.54
C PHE A 451 15.83 34.78 30.21
N MET A 452 14.65 35.36 30.31
CA MET A 452 13.82 35.61 29.13
C MET A 452 13.49 37.07 28.89
N ALA A 453 13.94 37.99 29.75
CA ALA A 453 13.55 39.38 29.59
C ALA A 453 14.53 40.29 30.32
N THR A 454 14.97 41.34 29.64
CA THR A 454 15.71 42.47 30.17
C THR A 454 15.76 43.54 29.10
N PRO A 455 15.66 44.84 29.45
CA PRO A 455 15.81 45.88 28.42
C PRO A 455 17.15 45.76 27.71
N TYR A 456 18.25 45.91 28.46
CA TYR A 456 19.57 45.39 28.11
C TYR A 456 20.56 45.68 29.23
N THR A 457 21.56 44.83 29.39
CA THR A 457 22.50 44.90 30.50
C THR A 457 23.90 45.24 30.00
N GLU A 458 24.62 46.03 30.79
CA GLU A 458 25.99 46.38 30.48
C GLU A 458 26.90 45.17 30.67
N VAL A 459 27.95 45.10 29.85
CA VAL A 459 28.83 43.94 29.85
C VAL A 459 29.54 43.79 31.19
N SER A 460 29.86 44.91 31.84
CA SER A 460 30.55 44.85 33.13
C SER A 460 29.70 44.20 34.22
N GLY A 461 28.38 44.19 34.06
CA GLY A 461 27.53 43.61 35.08
C GLY A 461 27.64 42.09 35.13
N THR A 462 27.49 41.55 36.34
CA THR A 462 27.54 40.10 36.51
C THR A 462 26.28 39.43 35.98
N LEU A 463 25.15 40.15 36.02
CA LEU A 463 23.92 39.61 35.45
C LEU A 463 24.08 39.34 33.96
N TRP A 464 24.71 40.29 33.24
CA TRP A 464 25.00 40.07 31.84
C TRP A 464 25.90 38.85 31.67
N GLN A 465 26.91 38.73 32.52
CA GLN A 465 27.86 37.62 32.39
C GLN A 465 27.15 36.27 32.53
N VAL A 466 26.32 36.14 33.57
CA VAL A 466 25.66 34.86 33.79
C VAL A 466 24.63 34.61 32.69
N GLN A 467 23.88 35.65 32.28
CA GLN A 467 22.87 35.45 31.25
C GLN A 467 23.49 35.00 29.94
N MET A 468 24.59 35.64 29.54
CA MET A 468 25.23 35.28 28.28
C MET A 468 25.88 33.91 28.37
N HIS A 469 26.59 33.63 29.47
CA HIS A 469 27.24 32.32 29.56
C HIS A 469 26.25 31.19 29.82
N TYR A 470 25.01 31.50 30.15
CA TYR A 470 23.98 30.47 30.24
C TYR A 470 23.32 30.24 28.89
N GLU A 471 22.89 31.31 28.23
CA GLU A 471 22.14 31.20 26.98
C GLU A 471 23.04 31.16 25.76
N MET A 472 24.35 31.08 25.92
CA MET A 472 25.24 30.74 24.82
C MET A 472 25.93 29.40 25.04
N LEU A 473 25.68 28.75 26.16
CA LEU A 473 26.15 27.39 26.40
C LEU A 473 25.02 26.38 26.33
N PHE A 474 23.89 26.67 26.99
CA PHE A 474 22.77 25.74 26.95
C PHE A 474 22.10 25.73 25.58
N ASN A 475 22.00 26.89 24.94
CA ASN A 475 21.42 26.92 23.60
C ASN A 475 22.36 26.31 22.57
N SER A 476 23.65 26.65 22.64
CA SER A 476 24.60 26.13 21.66
C SER A 476 24.78 24.62 21.81
N PHE A 477 24.68 24.10 23.03
CA PHE A 477 24.71 22.67 23.27
C PHE A 477 23.34 22.02 23.20
N GLN A 478 22.29 22.77 22.86
CA GLN A 478 20.98 22.16 22.76
C GLN A 478 20.85 21.48 21.41
N GLY A 479 21.87 20.73 21.02
CA GLY A 479 21.76 19.79 19.93
C GLY A 479 22.13 18.41 20.43
N PHE A 480 23.04 18.37 21.40
CA PHE A 480 23.39 17.15 22.08
C PHE A 480 22.39 16.78 23.16
N PHE A 481 21.52 17.71 23.53
CA PHE A 481 20.48 17.46 24.53
C PHE A 481 19.13 17.13 23.91
N VAL A 482 19.03 17.15 22.59
CA VAL A 482 17.83 16.74 21.87
C VAL A 482 18.08 15.52 21.00
N ALA A 483 19.18 15.54 20.24
CA ALA A 483 19.52 14.40 19.40
C ALA A 483 19.78 13.15 20.23
N ILE A 484 20.48 13.30 21.36
CA ILE A 484 20.83 12.13 22.15
C ILE A 484 19.62 11.57 22.90
N ILE A 485 18.55 12.34 23.06
CA ILE A 485 17.36 11.86 23.75
C ILE A 485 16.17 11.73 22.82
N TYR A 486 16.36 11.95 21.51
CA TYR A 486 15.27 11.74 20.57
C TYR A 486 15.72 11.11 19.26
N CYS A 487 16.94 10.63 19.19
CA CYS A 487 17.41 9.83 18.07
C CYS A 487 18.05 8.52 18.51
N PHE A 488 18.77 8.54 19.63
CA PHE A 488 19.53 7.37 20.08
C PHE A 488 18.94 6.68 21.29
N CYS A 489 18.30 7.42 22.20
CA CYS A 489 17.69 6.84 23.40
C CYS A 489 16.25 7.34 23.49
N ASN A 490 15.35 6.69 22.77
CA ASN A 490 13.92 6.96 22.89
C ASN A 490 13.10 5.69 23.12
N GLY A 491 13.48 4.58 22.50
CA GLY A 491 12.76 3.34 22.69
C GLY A 491 12.49 2.57 21.41
N GLU A 492 12.37 3.28 20.28
CA GLU A 492 12.04 2.67 19.00
C GLU A 492 13.21 2.67 18.03
N VAL A 493 13.91 3.80 17.89
CA VAL A 493 15.02 3.86 16.95
C VAL A 493 16.17 2.98 17.42
N GLN A 494 16.40 2.91 18.74
CA GLN A 494 17.52 2.14 19.27
C GLN A 494 17.37 0.65 18.95
N ALA A 495 16.15 0.12 19.06
CA ALA A 495 15.94 -1.30 18.80
C ALA A 495 16.12 -1.63 17.32
N GLU A 496 15.68 -0.74 16.43
CA GLU A 496 15.69 -0.98 15.00
C GLU A 496 16.86 -0.31 14.29
N ILE A 497 17.83 0.22 15.04
CA ILE A 497 18.99 0.86 14.44
C ILE A 497 19.87 -0.18 13.75
N LEU B 5 9.84 9.50 -23.12
CA LEU B 5 8.43 9.43 -22.74
C LEU B 5 7.53 9.99 -23.83
N SER B 6 6.89 9.10 -24.57
CA SER B 6 5.96 9.49 -25.62
C SER B 6 4.65 9.97 -25.01
N ALA B 7 3.68 10.30 -25.87
CA ALA B 7 2.40 10.81 -25.39
C ALA B 7 1.68 9.76 -24.55
N GLU B 8 1.68 8.51 -25.00
CA GLU B 8 1.00 7.45 -24.27
C GLU B 8 1.63 7.25 -22.89
N ASP B 9 2.96 7.27 -22.82
CA ASP B 9 3.62 7.09 -21.53
C ASP B 9 3.31 8.24 -20.59
N LYS B 10 3.30 9.48 -21.09
CA LYS B 10 3.01 10.62 -20.25
C LYS B 10 1.57 10.57 -19.73
N ALA B 11 0.63 10.19 -20.59
CA ALA B 11 -0.76 10.08 -20.14
C ALA B 11 -0.92 8.95 -19.13
N ALA B 12 -0.19 7.84 -19.32
CA ALA B 12 -0.23 6.77 -18.34
C ALA B 12 0.34 7.22 -17.00
N VAL B 13 1.40 8.03 -17.04
CA VAL B 13 1.97 8.56 -15.80
C VAL B 13 0.96 9.47 -15.10
N GLU B 14 0.24 10.29 -15.87
CA GLU B 14 -0.78 11.14 -15.27
C GLU B 14 -1.88 10.30 -14.62
N ARG B 15 -2.30 9.24 -15.29
CA ARG B 15 -3.31 8.35 -14.71
C ARG B 15 -2.80 7.69 -13.43
N SER B 16 -1.53 7.26 -13.44
CA SER B 16 -0.94 6.65 -12.25
C SER B 16 -0.89 7.63 -11.09
N LYS B 17 -0.54 8.89 -11.38
CA LYS B 17 -0.50 9.89 -10.32
C LYS B 17 -1.90 10.16 -9.76
N MET B 18 -2.92 10.19 -10.63
CA MET B 18 -4.29 10.36 -10.13
C MET B 18 -4.70 9.17 -9.26
N ILE B 19 -4.31 7.96 -9.64
CA ILE B 19 -4.62 6.79 -8.83
C ILE B 19 -3.92 6.90 -7.48
N ASP B 20 -2.67 7.36 -7.46
CA ASP B 20 -1.97 7.56 -6.21
C ASP B 20 -2.66 8.59 -5.33
N ARG B 21 -3.13 9.67 -5.95
CA ARG B 21 -3.83 10.70 -5.18
C ARG B 21 -5.11 10.15 -4.57
N ASN B 22 -5.87 9.37 -5.33
CA ASN B 22 -7.09 8.78 -4.79
C ASN B 22 -6.77 7.79 -3.67
N LEU B 23 -5.69 7.02 -3.82
CA LEU B 23 -5.28 6.10 -2.77
C LEU B 23 -4.93 6.85 -1.50
N ARG B 24 -4.21 7.96 -1.63
CA ARG B 24 -3.88 8.77 -0.46
C ARG B 24 -5.14 9.35 0.18
N GLU B 25 -6.09 9.79 -0.65
CA GLU B 25 -7.32 10.34 -0.11
C GLU B 25 -8.11 9.30 0.68
N ASP B 26 -8.16 8.07 0.18
CA ASP B 26 -8.81 7.01 0.94
C ASP B 26 -8.02 6.63 2.18
N GLY B 27 -6.69 6.66 2.11
CA GLY B 27 -5.89 6.32 3.27
C GLY B 27 -6.03 7.31 4.41
N GLU B 28 -6.01 8.60 4.09
CA GLU B 28 -6.19 9.62 5.13
C GLU B 28 -7.62 9.65 5.65
N LYS B 29 -8.58 9.16 4.88
CA LYS B 29 -9.97 9.04 5.33
C LYS B 29 -10.25 7.69 5.98
N ALA B 30 -9.24 6.82 6.09
CA ALA B 30 -9.38 5.55 6.78
C ALA B 30 -8.61 5.46 8.08
N ARG B 31 -7.59 6.31 8.27
CA ARG B 31 -6.86 6.32 9.53
C ARG B 31 -7.71 6.88 10.66
N ARG B 32 -8.60 7.82 10.32
CA ARG B 32 -9.49 8.41 11.35
C ARG B 32 -10.29 7.26 11.98
N GLU B 33 -10.80 6.35 11.16
CA GLU B 33 -11.60 5.24 11.68
C GLU B 33 -10.78 4.36 12.60
N LEU B 34 -11.46 3.70 13.54
CA LEU B 34 -10.80 2.85 14.51
C LEU B 34 -11.44 1.48 14.50
N LYS B 35 -10.62 0.44 14.48
CA LYS B 35 -11.10 -0.92 14.40
C LYS B 35 -11.30 -1.51 15.78
N LEU B 36 -12.35 -2.31 15.93
CA LEU B 36 -12.72 -2.92 17.21
C LEU B 36 -13.17 -4.36 16.94
N LEU B 37 -12.29 -5.31 17.21
CA LEU B 37 -12.64 -6.72 17.07
C LEU B 37 -13.64 -7.12 18.15
N LEU B 38 -14.44 -8.15 17.85
CA LEU B 38 -15.50 -8.59 18.75
C LEU B 38 -15.53 -10.13 18.75
N LEU B 39 -15.01 -10.73 19.81
CA LEU B 39 -15.05 -12.17 20.01
C LEU B 39 -15.99 -12.51 21.16
N GLY B 40 -16.13 -13.80 21.41
CA GLY B 40 -16.94 -14.27 22.51
C GLY B 40 -18.30 -14.75 22.05
N THR B 41 -18.88 -15.68 22.83
CA THR B 41 -20.18 -16.26 22.52
C THR B 41 -21.02 -16.29 23.78
N GLY B 42 -22.35 -16.31 23.58
CA GLY B 42 -23.27 -16.37 24.69
C GLY B 42 -24.05 -15.09 24.90
N GLU B 43 -23.37 -13.95 24.79
CA GLU B 43 -24.01 -12.65 24.96
C GLU B 43 -23.49 -11.65 23.94
N SER B 44 -23.34 -12.10 22.70
CA SER B 44 -22.76 -11.25 21.65
C SER B 44 -23.81 -10.50 20.84
N GLY B 45 -25.08 -10.62 21.18
CA GLY B 45 -26.13 -9.94 20.44
C GLY B 45 -26.20 -8.46 20.77
N LYS B 46 -25.17 -7.71 20.42
CA LYS B 46 -25.10 -6.28 20.71
C LYS B 46 -25.62 -5.51 19.49
N SER B 47 -26.93 -5.32 19.45
CA SER B 47 -27.57 -4.49 18.44
C SER B 47 -27.82 -3.07 18.93
N THR B 48 -27.50 -2.77 20.19
CA THR B 48 -27.74 -1.44 20.73
C THR B 48 -26.86 -0.40 20.04
N PHE B 49 -25.58 -0.72 19.82
CA PHE B 49 -24.67 0.23 19.20
C PHE B 49 -25.09 0.54 17.76
N ILE B 50 -25.50 -0.49 17.02
CA ILE B 50 -25.96 -0.26 15.64
C ILE B 50 -27.22 0.58 15.63
N LYS B 51 -28.17 0.29 16.53
CA LYS B 51 -29.40 1.06 16.59
C LYS B 51 -29.13 2.51 16.94
N GLN B 52 -28.25 2.76 17.90
CA GLN B 52 -27.90 4.13 18.26
C GLN B 52 -27.20 4.85 17.12
N MET B 53 -26.27 4.17 16.45
CA MET B 53 -25.58 4.78 15.32
C MET B 53 -26.52 5.03 14.15
N ARG B 54 -27.41 4.09 13.87
CA ARG B 54 -28.34 4.23 12.76
C ARG B 54 -29.61 3.39 13.00
N GLY B 182 -19.45 -15.09 7.23
CA GLY B 182 -18.12 -14.57 7.49
C GLY B 182 -18.11 -13.28 8.31
N ILE B 183 -17.24 -12.36 7.93
CA ILE B 183 -17.09 -11.11 8.67
C ILE B 183 -18.35 -10.27 8.54
N ILE B 184 -18.82 -9.76 9.66
CA ILE B 184 -20.00 -8.89 9.71
C ILE B 184 -19.54 -7.57 10.31
N GLU B 185 -19.18 -6.62 9.46
CA GLU B 185 -18.79 -5.30 9.94
C GLU B 185 -20.03 -4.48 10.29
N TYR B 186 -19.98 -3.79 11.43
CA TYR B 186 -21.07 -2.96 11.91
C TYR B 186 -20.52 -1.59 12.31
N PRO B 187 -20.33 -0.69 11.34
CA PRO B 187 -19.80 0.63 11.66
C PRO B 187 -20.74 1.45 12.54
N PHE B 188 -20.15 2.28 13.38
CA PHE B 188 -20.88 3.18 14.28
C PHE B 188 -20.54 4.62 13.95
N ASP B 189 -21.04 5.54 14.79
CA ASP B 189 -20.71 6.95 14.67
C ASP B 189 -20.89 7.58 16.04
N LEU B 190 -19.78 7.93 16.69
CA LEU B 190 -19.81 8.52 18.02
C LEU B 190 -19.03 9.83 18.02
N GLN B 191 -19.41 10.72 18.94
CA GLN B 191 -18.80 12.03 19.09
C GLN B 191 -18.82 12.80 17.77
N SER B 192 -20.05 13.05 17.29
CA SER B 192 -20.30 13.76 16.04
C SER B 192 -19.59 12.99 14.93
N VAL B 193 -18.75 13.62 14.11
CA VAL B 193 -18.01 12.94 13.06
C VAL B 193 -16.54 12.71 13.45
N ILE B 194 -16.19 12.99 14.70
CA ILE B 194 -14.80 12.82 15.13
C ILE B 194 -14.41 11.35 15.14
N PHE B 195 -15.28 10.49 15.67
CA PHE B 195 -15.00 9.07 15.79
C PHE B 195 -15.99 8.29 14.92
N ARG B 196 -15.46 7.47 14.02
CA ARG B 196 -16.25 6.58 13.18
C ARG B 196 -15.66 5.18 13.31
N MET B 197 -16.13 4.44 14.31
CA MET B 197 -15.58 3.14 14.62
C MET B 197 -16.10 2.07 13.65
N VAL B 198 -15.36 0.97 13.56
CA VAL B 198 -15.78 -0.19 12.79
C VAL B 198 -15.65 -1.42 13.66
N ASP B 199 -16.73 -2.16 13.80
CA ASP B 199 -16.71 -3.45 14.47
C ASP B 199 -16.50 -4.55 13.44
N VAL B 200 -15.84 -5.62 13.86
CA VAL B 200 -15.53 -6.75 12.99
C VAL B 200 -15.82 -8.03 13.76
N GLY B 201 -16.81 -8.79 13.31
CA GLY B 201 -17.21 -10.01 13.98
C GLY B 201 -16.28 -11.17 13.67
N GLY B 202 -16.68 -12.35 14.12
CA GLY B 202 -15.87 -13.55 14.01
C GLY B 202 -16.25 -14.42 12.84
N GLN B 203 -15.69 -15.63 12.83
CA GLN B 203 -15.93 -16.59 11.75
C GLN B 203 -16.11 -18.00 12.31
N ARG B 204 -16.09 -19.00 11.45
CA ARG B 204 -16.35 -20.39 11.82
C ARG B 204 -15.36 -21.34 11.19
N SER B 205 -14.07 -21.01 11.28
CA SER B 205 -13.00 -21.86 10.76
C SER B 205 -11.84 -21.82 11.75
N GLU B 206 -10.68 -22.29 11.31
CA GLU B 206 -9.49 -22.27 12.15
C GLU B 206 -9.14 -20.84 12.53
N ARG B 207 -8.84 -20.62 13.81
CA ARG B 207 -8.61 -19.29 14.36
C ARG B 207 -7.13 -18.96 14.46
N ARG B 208 -6.31 -19.50 13.56
CA ARG B 208 -4.89 -19.21 13.55
C ARG B 208 -4.40 -18.59 12.24
N LYS B 209 -5.19 -18.65 11.17
CA LYS B 209 -4.84 -17.99 9.93
C LYS B 209 -5.68 -16.75 9.65
N TRP B 210 -6.79 -16.57 10.34
CA TRP B 210 -7.63 -15.40 10.21
C TRP B 210 -7.30 -14.30 11.21
N ILE B 211 -6.25 -14.47 12.01
CA ILE B 211 -5.96 -13.58 13.12
C ILE B 211 -4.89 -12.57 12.74
N HIS B 212 -4.04 -12.91 11.76
CA HIS B 212 -3.04 -11.96 11.30
C HIS B 212 -3.68 -10.66 10.85
N CYS B 213 -4.89 -10.73 10.30
CA CYS B 213 -5.54 -9.54 9.77
C CYS B 213 -5.80 -8.51 10.87
N PHE B 214 -6.25 -8.97 12.03
CA PHE B 214 -6.59 -8.08 13.13
C PHE B 214 -5.42 -7.86 14.08
N GLU B 215 -4.27 -7.47 13.54
CA GLU B 215 -3.12 -7.16 14.37
C GLU B 215 -3.07 -5.68 14.73
N ASN B 216 -3.64 -4.82 13.89
CA ASN B 216 -3.61 -3.37 14.10
C ASN B 216 -4.87 -2.83 14.73
N VAL B 217 -5.71 -3.69 15.30
CA VAL B 217 -6.94 -3.23 15.92
C VAL B 217 -6.60 -2.38 17.14
N THR B 218 -7.24 -1.20 17.23
CA THR B 218 -7.02 -0.31 18.36
C THR B 218 -7.66 -0.82 19.63
N SER B 219 -8.52 -1.83 19.55
CA SER B 219 -9.14 -2.41 20.74
C SER B 219 -9.63 -3.80 20.40
N ILE B 220 -9.85 -4.59 21.44
CA ILE B 220 -10.45 -5.92 21.34
C ILE B 220 -11.59 -5.99 22.33
N MET B 221 -12.78 -6.37 21.85
CA MET B 221 -13.94 -6.53 22.70
C MET B 221 -14.17 -8.01 22.95
N PHE B 222 -14.21 -8.40 24.22
CA PHE B 222 -14.50 -9.76 24.63
C PHE B 222 -15.78 -9.76 25.44
N LEU B 223 -16.75 -10.56 25.02
CA LEU B 223 -18.08 -10.59 25.64
C LEU B 223 -18.23 -11.91 26.40
N VAL B 224 -18.56 -11.82 27.68
CA VAL B 224 -18.72 -12.98 28.55
C VAL B 224 -20.08 -12.92 29.22
N ALA B 225 -20.75 -14.06 29.29
CA ALA B 225 -22.06 -14.17 29.89
C ALA B 225 -21.92 -14.54 31.36
N LEU B 226 -22.41 -13.68 32.24
CA LEU B 226 -22.34 -13.93 33.68
C LEU B 226 -23.28 -15.03 34.14
N SER B 227 -24.18 -15.50 33.28
CA SER B 227 -25.09 -16.58 33.61
C SER B 227 -24.42 -17.95 33.56
N GLU B 228 -23.09 -17.99 33.53
CA GLU B 228 -22.34 -19.24 33.54
C GLU B 228 -21.91 -19.65 34.94
N TYR B 229 -22.42 -18.98 35.98
CA TYR B 229 -22.14 -19.41 37.34
C TYR B 229 -22.65 -20.83 37.58
N ASP B 230 -23.85 -21.12 37.08
CA ASP B 230 -24.38 -22.48 37.01
C ASP B 230 -24.50 -22.80 35.53
N GLN B 231 -23.42 -23.33 34.96
CA GLN B 231 -23.30 -23.49 33.52
C GLN B 231 -23.24 -24.96 33.12
N VAL B 232 -23.69 -25.23 31.90
CA VAL B 232 -23.63 -26.56 31.31
C VAL B 232 -23.01 -26.45 29.93
N LEU B 233 -22.17 -27.41 29.57
CA LEU B 233 -21.52 -27.40 28.27
C LEU B 233 -22.47 -27.90 27.19
N VAL B 234 -22.24 -27.43 25.96
CA VAL B 234 -23.06 -27.86 24.84
C VAL B 234 -22.82 -29.34 24.55
N GLU B 235 -21.57 -29.79 24.69
CA GLU B 235 -21.23 -31.18 24.45
C GLU B 235 -21.66 -32.03 25.65
N SER B 236 -21.24 -33.30 25.67
CA SER B 236 -21.64 -34.22 26.73
C SER B 236 -20.82 -34.04 28.00
N ASP B 237 -19.74 -33.26 27.97
CA ASP B 237 -18.92 -33.09 29.16
C ASP B 237 -19.69 -32.38 30.28
N ASN B 238 -20.45 -31.34 29.93
CA ASN B 238 -21.26 -30.58 30.88
C ASN B 238 -20.42 -30.09 32.06
N GLU B 239 -19.26 -29.50 31.75
CA GLU B 239 -18.32 -29.08 32.79
C GLU B 239 -18.55 -27.63 33.20
N ASN B 240 -18.38 -26.70 32.27
CA ASN B 240 -18.52 -25.28 32.58
C ASN B 240 -18.59 -24.48 31.28
N ARG B 241 -19.02 -23.24 31.41
CA ARG B 241 -19.04 -22.29 30.29
C ARG B 241 -18.16 -21.07 30.54
N MET B 242 -18.14 -20.54 31.76
CA MET B 242 -17.22 -19.46 32.07
C MET B 242 -15.78 -19.93 32.03
N GLU B 243 -15.51 -21.17 32.44
CA GLU B 243 -14.15 -21.70 32.38
C GLU B 243 -13.66 -21.78 30.94
N GLU B 244 -14.52 -22.21 30.01
CA GLU B 244 -14.17 -22.16 28.61
C GLU B 244 -13.95 -20.73 28.14
N SER B 245 -14.80 -19.81 28.60
CA SER B 245 -14.61 -18.40 28.29
C SER B 245 -13.30 -17.89 28.88
N LYS B 246 -12.97 -18.33 30.09
CA LYS B 246 -11.71 -17.94 30.69
C LYS B 246 -10.52 -18.44 29.89
N ALA B 247 -10.59 -19.69 29.41
CA ALA B 247 -9.50 -20.22 28.59
C ALA B 247 -9.36 -19.46 27.29
N LEU B 248 -10.49 -19.12 26.66
CA LEU B 248 -10.44 -18.32 25.44
C LEU B 248 -9.85 -16.95 25.72
N PHE B 249 -10.20 -16.36 26.86
CA PHE B 249 -9.63 -15.07 27.24
C PHE B 249 -8.13 -15.16 27.44
N ARG B 250 -7.67 -16.23 28.08
CA ARG B 250 -6.23 -16.41 28.27
C ARG B 250 -5.52 -16.57 26.93
N THR B 251 -6.13 -17.31 26.00
CA THR B 251 -5.52 -17.48 24.69
C THR B 251 -5.44 -16.16 23.93
N ILE B 252 -6.50 -15.36 24.02
CA ILE B 252 -6.52 -14.10 23.29
C ILE B 252 -5.54 -13.09 23.89
N ILE B 253 -5.51 -12.99 25.22
CA ILE B 253 -4.62 -12.03 25.88
C ILE B 253 -3.16 -12.35 25.59
N THR B 254 -2.80 -13.63 25.71
CA THR B 254 -1.41 -14.04 25.53
C THR B 254 -1.03 -14.24 24.07
N TYR B 255 -1.94 -13.98 23.14
CA TYR B 255 -1.64 -14.16 21.73
C TYR B 255 -0.53 -13.19 21.31
N PRO B 256 0.45 -13.66 20.52
CA PRO B 256 1.56 -12.78 20.13
C PRO B 256 1.11 -11.55 19.35
N TRP B 257 0.05 -11.65 18.55
CA TRP B 257 -0.37 -10.52 17.75
C TRP B 257 -0.95 -9.41 18.62
N PHE B 258 -1.79 -9.76 19.59
CA PHE B 258 -2.37 -8.77 20.49
C PHE B 258 -1.49 -8.64 21.74
N GLN B 259 -0.32 -8.05 21.53
CA GLN B 259 0.61 -7.81 22.63
C GLN B 259 0.54 -6.39 23.19
N ASN B 260 -0.07 -5.46 22.46
CA ASN B 260 -0.24 -4.10 22.94
C ASN B 260 -1.63 -3.57 22.63
N SER B 261 -2.61 -4.47 22.53
CA SER B 261 -3.98 -4.11 22.20
C SER B 261 -4.85 -4.29 23.44
N SER B 262 -5.52 -3.22 23.85
CA SER B 262 -6.35 -3.26 25.04
C SER B 262 -7.53 -4.19 24.83
N VAL B 263 -7.93 -4.87 25.90
CA VAL B 263 -9.02 -5.82 25.83
C VAL B 263 -10.20 -5.30 26.63
N ILE B 264 -11.09 -4.57 25.96
CA ILE B 264 -12.33 -4.14 26.59
C ILE B 264 -13.20 -5.36 26.87
N LEU B 265 -13.68 -5.47 28.09
CA LEU B 265 -14.48 -6.62 28.53
C LEU B 265 -15.88 -6.14 28.86
N PHE B 266 -16.88 -6.83 28.33
CA PHE B 266 -18.28 -6.46 28.53
C PHE B 266 -18.99 -7.63 29.17
N LEU B 267 -18.96 -7.69 30.50
CA LEU B 267 -19.64 -8.73 31.25
C LEU B 267 -21.15 -8.49 31.15
N ASN B 268 -21.81 -9.22 30.27
CA ASN B 268 -23.24 -9.06 30.05
C ASN B 268 -24.01 -10.00 30.99
N LYS B 269 -25.34 -9.98 30.85
CA LYS B 269 -26.25 -10.78 31.67
C LYS B 269 -26.09 -10.41 33.16
N LYS B 270 -26.45 -9.17 33.48
CA LYS B 270 -26.32 -8.69 34.86
C LYS B 270 -27.50 -9.13 35.72
N ASP B 271 -28.72 -8.78 35.30
CA ASP B 271 -29.90 -9.14 36.09
C ASP B 271 -30.08 -10.64 36.17
N LEU B 272 -29.76 -11.35 35.08
CA LEU B 272 -29.86 -12.81 35.09
C LEU B 272 -28.97 -13.42 36.15
N LEU B 273 -27.72 -12.93 36.27
CA LEU B 273 -26.85 -13.42 37.34
C LEU B 273 -27.36 -12.98 38.71
N GLU B 274 -27.86 -11.75 38.82
CA GLU B 274 -28.39 -11.28 40.08
C GLU B 274 -29.53 -12.16 40.58
N GLU B 275 -30.29 -12.76 39.66
CA GLU B 275 -31.31 -13.73 40.03
C GLU B 275 -30.77 -15.13 40.24
N LYS B 276 -29.81 -15.57 39.43
CA LYS B 276 -29.37 -16.97 39.47
C LYS B 276 -28.48 -17.24 40.68
N ILE B 277 -27.69 -16.27 41.12
CA ILE B 277 -26.80 -16.51 42.24
C ILE B 277 -27.57 -16.69 43.53
N MET B 278 -28.84 -16.27 43.56
CA MET B 278 -29.76 -16.72 44.60
C MET B 278 -30.45 -18.03 44.21
N TYR B 279 -31.08 -18.07 43.04
CA TYR B 279 -32.00 -19.16 42.72
C TYR B 279 -31.25 -20.36 42.17
N SER B 280 -30.43 -20.17 41.13
CA SER B 280 -29.87 -21.30 40.40
C SER B 280 -28.86 -22.07 41.24
N HIS B 281 -27.77 -21.42 41.63
CA HIS B 281 -26.70 -22.07 42.37
C HIS B 281 -25.87 -21.02 43.08
N LEU B 282 -24.73 -21.43 43.63
CA LEU B 282 -23.84 -20.52 44.36
C LEU B 282 -22.42 -21.05 44.23
N VAL B 283 -21.58 -20.31 43.49
CA VAL B 283 -20.16 -20.61 43.33
C VAL B 283 -19.83 -22.05 42.94
N ASP B 284 -20.43 -22.52 41.85
CA ASP B 284 -20.16 -23.88 41.40
C ASP B 284 -18.69 -24.26 41.43
N TYR B 285 -17.83 -23.41 40.85
CA TYR B 285 -16.40 -23.69 40.84
C TYR B 285 -15.83 -23.71 42.24
N PHE B 286 -16.08 -22.64 43.00
CA PHE B 286 -15.68 -22.46 44.39
C PHE B 286 -14.24 -22.86 44.69
N PRO B 287 -13.22 -22.34 43.98
CA PRO B 287 -11.85 -22.49 44.49
C PRO B 287 -11.67 -21.60 45.70
N GLU B 288 -12.05 -20.33 45.52
CA GLU B 288 -12.21 -19.38 46.61
C GLU B 288 -13.43 -18.52 46.31
N TYR B 289 -14.09 -18.82 45.20
CA TYR B 289 -15.13 -17.99 44.61
C TYR B 289 -16.30 -17.73 45.56
N ASP B 290 -16.71 -16.47 45.63
CA ASP B 290 -17.95 -16.07 46.29
C ASP B 290 -18.05 -16.56 47.73
N GLY B 291 -17.15 -16.09 48.58
CA GLY B 291 -17.29 -16.30 50.01
C GLY B 291 -18.64 -15.77 50.46
N PRO B 292 -18.84 -14.46 50.33
CA PRO B 292 -20.19 -13.88 50.45
C PRO B 292 -21.00 -14.13 49.17
N GLN B 293 -21.48 -15.37 49.04
CA GLN B 293 -22.20 -15.76 47.83
C GLN B 293 -23.48 -14.95 47.63
N ARG B 294 -24.23 -14.73 48.71
CA ARG B 294 -25.48 -13.99 48.63
C ARG B 294 -25.27 -12.49 48.46
N ASP B 295 -24.03 -12.00 48.62
CA ASP B 295 -23.77 -10.57 48.51
C ASP B 295 -24.01 -10.03 47.11
N ALA B 296 -23.91 -10.88 46.08
CA ALA B 296 -24.14 -10.50 44.69
C ALA B 296 -23.16 -9.41 44.23
N GLN B 297 -22.12 -9.18 44.99
CA GLN B 297 -21.04 -8.27 44.63
C GLN B 297 -19.67 -8.91 44.75
N ALA B 298 -19.47 -9.76 45.76
CA ALA B 298 -18.24 -10.53 45.85
C ALA B 298 -18.08 -11.46 44.64
N ALA B 299 -19.19 -11.97 44.11
CA ALA B 299 -19.12 -12.78 42.90
C ALA B 299 -18.60 -11.95 41.73
N ARG B 300 -19.10 -10.72 41.58
CA ARG B 300 -18.61 -9.84 40.53
C ARG B 300 -17.12 -9.52 40.72
N GLU B 301 -16.73 -9.26 41.96
CA GLU B 301 -15.33 -8.95 42.23
C GLU B 301 -14.43 -10.14 41.90
N PHE B 302 -14.86 -11.35 42.27
CA PHE B 302 -14.04 -12.53 41.97
C PHE B 302 -13.98 -12.79 40.47
N ILE B 303 -15.09 -12.57 39.75
CA ILE B 303 -15.08 -12.74 38.30
C ILE B 303 -14.13 -11.74 37.66
N LEU B 304 -14.16 -10.49 38.12
CA LEU B 304 -13.22 -9.50 37.62
C LEU B 304 -11.78 -9.91 37.88
N LYS B 305 -11.51 -10.37 39.11
CA LYS B 305 -10.14 -10.77 39.44
C LYS B 305 -9.67 -11.93 38.59
N MET B 306 -10.54 -12.93 38.39
CA MET B 306 -10.17 -14.08 37.59
C MET B 306 -9.93 -13.70 36.14
N PHE B 307 -10.76 -12.81 35.58
CA PHE B 307 -10.62 -12.44 34.18
C PHE B 307 -9.45 -11.49 33.96
N VAL B 308 -9.07 -10.70 34.97
CA VAL B 308 -7.95 -9.79 34.82
C VAL B 308 -6.62 -10.45 35.17
N ASP B 309 -6.64 -11.56 35.92
CA ASP B 309 -5.40 -12.24 36.25
C ASP B 309 -4.74 -12.86 35.03
N LEU B 310 -5.50 -13.13 33.97
CA LEU B 310 -4.92 -13.63 32.73
C LEU B 310 -4.11 -12.57 32.00
N ASN B 311 -4.19 -11.32 32.42
CA ASN B 311 -3.41 -10.22 31.85
C ASN B 311 -2.24 -9.94 32.78
N PRO B 312 -1.04 -10.46 32.50
CA PRO B 312 0.10 -10.26 33.40
C PRO B 312 1.03 -9.12 33.05
N ASP B 313 0.71 -8.31 32.05
CA ASP B 313 1.57 -7.23 31.60
C ASP B 313 0.93 -5.88 31.85
N SER B 314 1.76 -4.86 32.01
CA SER B 314 1.30 -3.50 32.28
C SER B 314 1.00 -2.72 31.00
N ASP B 315 1.22 -3.33 29.83
CA ASP B 315 0.93 -2.68 28.56
C ASP B 315 -0.48 -2.93 28.07
N LYS B 316 -1.29 -3.69 28.82
CA LYS B 316 -2.65 -4.00 28.45
C LYS B 316 -3.58 -3.58 29.57
N ILE B 317 -4.62 -2.83 29.23
CA ILE B 317 -5.63 -2.39 30.18
C ILE B 317 -6.92 -3.14 29.90
N ILE B 318 -7.35 -3.97 30.85
CA ILE B 318 -8.53 -4.79 30.69
C ILE B 318 -9.71 -4.01 31.27
N TYR B 319 -10.29 -3.15 30.46
CA TYR B 319 -11.48 -2.42 30.88
C TYR B 319 -12.66 -3.36 30.99
N SER B 320 -13.53 -3.11 31.97
CA SER B 320 -14.66 -3.99 32.23
C SER B 320 -15.87 -3.15 32.61
N HIS B 321 -17.06 -3.67 32.29
CA HIS B 321 -18.29 -2.94 32.56
C HIS B 321 -19.46 -3.89 32.50
N PHE B 322 -20.18 -4.03 33.61
CA PHE B 322 -21.40 -4.83 33.61
C PHE B 322 -22.50 -4.11 32.86
N THR B 323 -23.33 -4.88 32.14
CA THR B 323 -24.42 -4.28 31.38
C THR B 323 -25.54 -5.30 31.24
N CYS B 324 -26.72 -4.79 30.93
CA CYS B 324 -27.91 -5.61 30.74
C CYS B 324 -28.66 -5.12 29.51
N ALA B 325 -29.78 -5.78 29.21
CA ALA B 325 -30.59 -5.37 28.07
C ALA B 325 -31.16 -3.97 28.26
N THR B 326 -31.65 -3.68 29.48
CA THR B 326 -32.22 -2.37 29.78
C THR B 326 -31.10 -1.43 30.27
N ASP B 327 -30.22 -1.09 29.33
CA ASP B 327 -29.10 -0.20 29.61
C ASP B 327 -28.84 0.67 28.39
N THR B 328 -28.22 1.82 28.64
CA THR B 328 -27.90 2.77 27.58
C THR B 328 -26.44 3.19 27.55
N GLU B 329 -25.71 3.06 28.65
CA GLU B 329 -24.29 3.45 28.68
C GLU B 329 -23.41 2.26 28.30
N ASN B 330 -23.61 1.78 27.08
CA ASN B 330 -22.89 0.62 26.57
C ASN B 330 -21.85 0.97 25.53
N ILE B 331 -22.04 2.07 24.79
CA ILE B 331 -21.04 2.54 23.84
C ILE B 331 -20.23 3.70 24.39
N ARG B 332 -20.71 4.38 25.44
CA ARG B 332 -19.91 5.41 26.08
C ARG B 332 -18.66 4.81 26.71
N PHE B 333 -18.79 3.62 27.31
CA PHE B 333 -17.63 2.94 27.86
C PHE B 333 -16.63 2.58 26.76
N VAL B 334 -17.14 2.16 25.60
CA VAL B 334 -16.26 1.86 24.48
C VAL B 334 -15.52 3.11 24.04
N PHE B 335 -16.22 4.23 23.97
CA PHE B 335 -15.58 5.49 23.59
C PHE B 335 -14.50 5.88 24.60
N ALA B 336 -14.79 5.76 25.89
CA ALA B 336 -13.83 6.12 26.92
C ALA B 336 -12.60 5.21 26.87
N ALA B 337 -12.82 3.90 26.73
CA ALA B 337 -11.71 2.97 26.64
C ALA B 337 -10.86 3.24 25.39
N VAL B 338 -11.51 3.57 24.28
CA VAL B 338 -10.78 3.88 23.05
C VAL B 338 -9.92 5.12 23.24
N LYS B 339 -10.48 6.16 23.87
CA LYS B 339 -9.69 7.37 24.12
C LYS B 339 -8.49 7.08 25.03
N ASP B 340 -8.71 6.32 26.10
CA ASP B 340 -7.61 5.99 26.99
C ASP B 340 -6.53 5.19 26.26
N THR B 341 -6.94 4.24 25.42
CA THR B 341 -5.98 3.45 24.65
C THR B 341 -5.19 4.33 23.69
N ILE B 342 -5.86 5.27 23.02
CA ILE B 342 -5.17 6.13 22.06
C ILE B 342 -4.12 6.99 22.76
N LEU B 343 -4.50 7.63 23.88
CA LEU B 343 -3.53 8.46 24.59
C LEU B 343 -2.40 7.62 25.18
N GLN B 344 -2.69 6.43 25.69
CA GLN B 344 -1.63 5.57 26.21
C GLN B 344 -0.67 5.17 25.11
N LEU B 345 -1.19 4.85 23.92
CA LEU B 345 -0.32 4.49 22.80
C LEU B 345 0.52 5.67 22.34
N ASN B 346 -0.06 6.88 22.35
CA ASN B 346 0.71 8.07 22.00
C ASN B 346 1.85 8.29 22.99
N LEU B 347 1.57 8.14 24.27
CA LEU B 347 2.61 8.26 25.28
C LEU B 347 3.69 7.20 25.11
N LYS B 348 3.30 5.95 24.86
CA LYS B 348 4.27 4.88 24.71
C LYS B 348 5.15 5.11 23.49
N GLU B 349 4.55 5.54 22.37
CA GLU B 349 5.34 5.86 21.20
C GLU B 349 6.26 7.04 21.46
N TYR B 350 5.84 7.97 22.30
CA TYR B 350 6.70 9.05 22.75
C TYR B 350 7.57 8.53 23.88
N ASN B 351 8.23 9.42 24.62
CA ASN B 351 9.04 9.03 25.76
C ASN B 351 8.51 9.55 27.08
N LEU B 352 7.38 10.26 27.08
CA LEU B 352 6.85 10.82 28.31
C LEU B 352 6.50 9.73 29.32
N VAL B 353 5.88 8.65 28.85
CA VAL B 353 5.51 7.54 29.72
C VAL B 353 5.49 6.24 28.94
N ALA C 1 15.15 38.77 26.42
CA ALA C 1 15.58 38.96 25.04
C ALA C 1 16.49 37.82 24.60
N VAL C 2 16.48 37.53 23.30
CA VAL C 2 17.31 36.46 22.78
C VAL C 2 18.78 36.80 23.00
N ALA C 3 19.54 35.81 23.49
CA ALA C 3 20.92 36.09 23.87
C ALA C 3 21.82 36.29 22.67
N GLU C 4 21.69 35.44 21.65
CA GLU C 4 22.60 35.51 20.52
C GLU C 4 22.40 36.80 19.74
N ILE C 5 21.15 37.26 19.65
CA ILE C 5 20.87 38.61 19.14
C ILE C 5 21.60 39.63 19.98
N GLN C 6 21.52 39.49 21.30
CA GLN C 6 22.23 40.39 22.20
C GLN C 6 23.73 40.30 21.99
N LEU C 7 24.26 39.09 21.80
CA LEU C 7 25.70 38.93 21.63
C LEU C 7 26.18 39.65 20.38
N MET C 8 25.48 39.46 19.26
CA MET C 8 25.87 40.14 18.04
C MET C 8 25.69 41.65 18.16
N HIS C 9 24.63 42.08 18.84
CA HIS C 9 24.41 43.52 19.02
C HIS C 9 25.53 44.15 19.81
N GLN C 10 25.94 43.52 20.90
CA GLN C 10 26.99 44.09 21.74
C GLN C 10 28.35 43.97 21.07
N ARG C 11 28.55 42.94 20.26
CA ARG C 11 29.77 42.89 19.46
C ARG C 11 29.85 44.09 18.52
N ALA C 12 28.74 44.40 17.84
CA ALA C 12 28.72 45.56 16.95
C ALA C 12 28.93 46.85 17.73
N LYS C 13 28.31 46.97 18.91
CA LYS C 13 28.46 48.18 19.72
C LYS C 13 29.90 48.35 20.18
N TRP C 14 30.55 47.26 20.59
CA TRP C 14 31.95 47.33 21.01
C TRP C 14 32.84 47.71 19.83
N ILE C 15 32.58 47.14 18.65
CA ILE C 15 33.36 47.51 17.48
C ILE C 15 33.20 49.00 17.18
N GLN C 16 31.97 49.50 17.26
CA GLN C 16 31.75 50.92 16.99
C GLN C 16 32.43 51.81 18.02
N ASP C 17 32.39 51.42 19.29
CA ASP C 17 33.06 52.19 20.33
C ASP C 17 34.58 52.14 20.19
N ALA C 18 35.10 51.07 19.57
CA ALA C 18 36.54 50.99 19.34
C ALA C 18 37.05 52.06 18.41
N ARG C 19 36.16 52.71 17.66
CA ARG C 19 36.53 53.84 16.83
C ARG C 19 35.89 55.15 17.25
N ARG C 20 34.81 55.10 18.04
CA ARG C 20 34.18 56.31 18.55
C ARG C 20 34.67 56.68 19.94
N ARG C 21 35.00 55.69 20.77
CA ARG C 21 35.49 55.93 22.12
C ARG C 21 37.00 55.76 22.24
N ALA C 22 37.60 54.93 21.40
CA ALA C 22 39.05 54.73 21.42
C ALA C 22 39.73 55.61 20.37
N PHE C 23 39.62 56.92 20.58
CA PHE C 23 40.24 57.91 19.70
C PHE C 23 41.62 58.34 20.18
N LEU C 24 42.12 57.76 21.27
CA LEU C 24 43.45 58.06 21.78
C LEU C 24 44.54 57.24 21.09
N HIS C 25 44.24 56.71 19.90
CA HIS C 25 45.22 55.88 19.19
C HIS C 25 46.47 56.68 18.83
N LYS C 26 46.28 57.91 18.38
CA LYS C 26 47.41 58.77 18.03
C LYS C 26 48.16 59.24 19.27
N SER D 13 -20.26 -52.11 14.89
CA SER D 13 -18.85 -52.40 14.70
C SER D 13 -18.36 -51.89 13.35
N GLU D 14 -19.16 -51.01 12.72
CA GLU D 14 -18.78 -50.48 11.42
C GLU D 14 -17.50 -49.65 11.52
N LEU D 15 -17.38 -48.82 12.56
CA LEU D 15 -16.17 -48.03 12.73
C LEU D 15 -14.95 -48.90 13.00
N ASP D 16 -15.11 -49.92 13.85
CA ASP D 16 -13.99 -50.80 14.15
C ASP D 16 -13.59 -51.63 12.93
N GLN D 17 -14.57 -52.12 12.17
CA GLN D 17 -14.27 -52.91 10.98
C GLN D 17 -13.54 -52.09 9.92
N LEU D 18 -13.98 -50.84 9.71
CA LEU D 18 -13.42 -50.01 8.65
C LEU D 18 -12.05 -49.45 9.02
N ARG D 19 -11.81 -49.15 10.31
CA ARG D 19 -10.54 -48.55 10.69
C ARG D 19 -9.37 -49.50 10.47
N GLN D 20 -9.58 -50.79 10.71
CA GLN D 20 -8.54 -51.77 10.44
C GLN D 20 -8.20 -51.82 8.96
N GLU D 21 -9.22 -51.80 8.10
CA GLU D 21 -8.98 -51.80 6.66
C GLU D 21 -8.25 -50.54 6.23
N ALA D 22 -8.64 -49.38 6.79
CA ALA D 22 -7.96 -48.13 6.45
C ALA D 22 -6.50 -48.16 6.86
N GLU D 23 -6.22 -48.67 8.06
CA GLU D 23 -4.83 -48.79 8.52
C GLU D 23 -4.04 -49.73 7.63
N GLN D 24 -4.67 -50.85 7.22
CA GLN D 24 -3.99 -51.78 6.33
C GLN D 24 -3.66 -51.14 5.00
N LEU D 25 -4.60 -50.38 4.45
CA LEU D 25 -4.36 -49.70 3.18
C LEU D 25 -3.24 -48.67 3.32
N LYS D 26 -3.24 -47.90 4.41
CA LYS D 26 -2.19 -46.91 4.61
C LYS D 26 -0.83 -47.57 4.75
N ASN D 27 -0.75 -48.68 5.50
CA ASN D 27 0.52 -49.38 5.65
C ASN D 27 1.00 -49.95 4.31
N GLN D 28 0.07 -50.49 3.51
CA GLN D 28 0.45 -51.02 2.21
C GLN D 28 0.98 -49.91 1.30
N ILE D 29 0.33 -48.75 1.32
CA ILE D 29 0.79 -47.62 0.50
C ILE D 29 2.16 -47.16 0.96
N ARG D 30 2.37 -47.08 2.28
CA ARG D 30 3.68 -46.68 2.79
C ARG D 30 4.76 -47.68 2.39
N ASP D 31 4.46 -48.98 2.47
CA ASP D 31 5.43 -50.00 2.07
C ASP D 31 5.74 -49.90 0.58
N ALA D 32 4.72 -49.68 -0.25
CA ALA D 32 4.95 -49.53 -1.68
C ALA D 32 5.81 -48.31 -1.98
N ARG D 33 5.55 -47.20 -1.29
CA ARG D 33 6.36 -46.00 -1.49
C ARG D 33 7.80 -46.24 -1.07
N LYS D 34 8.00 -46.95 0.05
CA LYS D 34 9.36 -47.25 0.49
C LYS D 34 10.08 -48.14 -0.51
N ALA D 35 9.38 -49.14 -1.07
CA ALA D 35 10.00 -50.04 -2.02
C ALA D 35 10.25 -49.38 -3.37
N CYS D 36 9.49 -48.33 -3.70
CA CYS D 36 9.62 -47.65 -4.99
C CYS D 36 10.60 -46.49 -4.94
N ALA D 37 11.58 -46.52 -4.04
CA ALA D 37 12.58 -45.48 -3.89
C ALA D 37 13.95 -46.14 -3.96
N ASP D 38 14.51 -46.25 -5.17
CA ASP D 38 15.84 -46.81 -5.32
C ASP D 38 16.89 -45.96 -4.63
N ALA D 39 16.77 -44.63 -4.76
CA ALA D 39 17.72 -43.71 -4.15
C ALA D 39 16.97 -42.43 -3.81
N THR D 40 17.71 -41.35 -3.59
CA THR D 40 17.15 -40.04 -3.32
C THR D 40 17.59 -39.07 -4.40
N LEU D 41 17.13 -37.82 -4.29
CA LEU D 41 17.53 -36.80 -5.25
C LEU D 41 19.01 -36.47 -5.15
N SER D 42 19.53 -36.45 -3.92
CA SER D 42 20.95 -36.13 -3.73
C SER D 42 21.84 -37.15 -4.40
N GLN D 43 21.49 -38.44 -4.29
CA GLN D 43 22.34 -39.50 -4.83
C GLN D 43 22.55 -39.38 -6.34
N ILE D 44 21.69 -38.66 -7.03
CA ILE D 44 21.83 -38.46 -8.47
C ILE D 44 22.19 -37.04 -8.84
N THR D 45 21.95 -36.06 -7.97
CA THR D 45 22.28 -34.67 -8.25
C THR D 45 23.52 -34.19 -7.53
N ASN D 46 24.27 -35.07 -6.87
CA ASN D 46 25.50 -34.67 -6.20
C ASN D 46 26.68 -34.53 -7.14
N ASN D 47 26.53 -34.90 -8.41
CA ASN D 47 27.63 -34.83 -9.37
C ASN D 47 27.54 -33.62 -10.28
N ILE D 48 26.74 -32.62 -9.92
CA ILE D 48 26.50 -31.46 -10.76
C ILE D 48 27.08 -30.23 -10.08
N ASP D 49 27.51 -29.27 -10.92
CA ASP D 49 28.16 -28.09 -10.40
C ASP D 49 27.20 -27.29 -9.52
N PRO D 50 27.69 -26.65 -8.46
CA PRO D 50 26.81 -25.82 -7.63
C PRO D 50 26.22 -24.68 -8.44
N VAL D 51 24.99 -24.29 -8.04
CA VAL D 51 24.29 -23.22 -8.75
C VAL D 51 25.05 -21.91 -8.66
N GLY D 52 25.73 -21.68 -7.53
CA GLY D 52 26.43 -20.43 -7.30
C GLY D 52 25.58 -19.43 -6.54
N ARG D 53 26.25 -18.38 -6.08
CA ARG D 53 25.57 -17.36 -5.30
C ARG D 53 24.67 -16.52 -6.20
N ILE D 54 23.41 -16.90 -6.31
CA ILE D 54 22.44 -16.19 -7.12
C ILE D 54 21.92 -15.02 -6.30
N GLN D 55 22.52 -13.84 -6.50
CA GLN D 55 22.14 -12.64 -5.78
C GLN D 55 21.45 -11.68 -6.75
N MET D 56 20.30 -11.16 -6.34
CA MET D 56 19.52 -10.24 -7.16
C MET D 56 19.28 -8.96 -6.39
N ARG D 57 19.15 -7.86 -7.13
CA ARG D 57 18.98 -6.54 -6.56
C ARG D 57 17.59 -6.02 -6.83
N THR D 58 17.17 -5.06 -6.00
CA THR D 58 15.85 -4.46 -6.14
C THR D 58 15.82 -3.52 -7.34
N ARG D 59 15.46 -4.04 -8.51
CA ARG D 59 15.41 -3.21 -9.71
C ARG D 59 14.33 -2.14 -9.58
N ARG D 60 13.15 -2.51 -9.09
CA ARG D 60 12.07 -1.55 -8.88
C ARG D 60 11.42 -1.84 -7.54
N THR D 61 10.78 -0.79 -6.99
CA THR D 61 10.01 -0.90 -5.75
C THR D 61 8.62 -0.36 -6.04
N LEU D 62 7.65 -1.26 -6.21
CA LEU D 62 6.27 -0.88 -6.50
C LEU D 62 5.62 -0.46 -5.19
N ARG D 63 5.91 0.78 -4.79
CA ARG D 63 5.50 1.28 -3.48
C ARG D 63 4.29 2.17 -3.67
N GLY D 64 3.11 1.60 -3.49
CA GLY D 64 1.90 2.40 -3.50
C GLY D 64 0.84 1.93 -2.54
N HIS D 65 1.17 0.94 -1.71
CA HIS D 65 0.18 0.33 -0.84
C HIS D 65 0.20 0.97 0.54
N LEU D 66 -0.84 0.67 1.33
CA LEU D 66 -0.95 1.20 2.68
C LEU D 66 -0.87 0.10 3.73
N ALA D 67 -1.75 -0.89 3.66
CA ALA D 67 -1.79 -1.96 4.63
C ALA D 67 -0.93 -3.13 4.16
N LYS D 68 -1.04 -4.27 4.82
CA LYS D 68 -0.22 -5.42 4.48
C LYS D 68 -0.63 -5.99 3.13
N ILE D 69 0.36 -6.48 2.39
CA ILE D 69 0.12 -7.16 1.12
C ILE D 69 -0.01 -8.65 1.40
N TYR D 70 -1.12 -9.24 0.96
CA TYR D 70 -1.41 -10.62 1.30
C TYR D 70 -1.19 -11.61 0.16
N ALA D 71 -1.28 -11.17 -1.09
CA ALA D 71 -1.02 -12.06 -2.20
C ALA D 71 -0.68 -11.22 -3.43
N MET D 72 -0.17 -11.91 -4.46
CA MET D 72 0.25 -11.27 -5.70
C MET D 72 0.23 -12.31 -6.81
N HIS D 73 -0.18 -11.90 -8.01
CA HIS D 73 -0.14 -12.78 -9.18
C HIS D 73 0.31 -11.99 -10.39
N TRP D 74 1.16 -12.62 -11.19
CA TRP D 74 1.65 -12.02 -12.43
C TRP D 74 0.61 -12.21 -13.52
N GLY D 75 0.97 -11.86 -14.75
CA GLY D 75 0.14 -12.09 -15.91
C GLY D 75 0.85 -12.96 -16.92
N THR D 76 0.12 -13.30 -17.98
CA THR D 76 0.72 -14.08 -19.05
C THR D 76 1.78 -13.28 -19.81
N ASP D 77 1.64 -11.95 -19.83
CA ASP D 77 2.55 -11.10 -20.59
C ASP D 77 3.81 -10.74 -19.83
N SER D 78 3.95 -11.16 -18.57
CA SER D 78 5.12 -10.87 -17.75
C SER D 78 5.33 -9.38 -17.53
N ARG D 79 4.26 -8.61 -17.60
CA ARG D 79 4.33 -7.16 -17.45
C ARG D 79 3.45 -6.64 -16.33
N LEU D 80 2.23 -7.15 -16.21
CA LEU D 80 1.26 -6.65 -15.25
C LEU D 80 1.14 -7.62 -14.10
N LEU D 81 1.22 -7.10 -12.87
CA LEU D 81 1.05 -7.91 -11.68
C LEU D 81 0.04 -7.24 -10.75
N VAL D 82 -0.85 -8.04 -10.19
CA VAL D 82 -1.90 -7.55 -9.30
C VAL D 82 -1.47 -7.77 -7.86
N SER D 83 -1.87 -6.85 -6.99
CA SER D 83 -1.51 -6.90 -5.58
C SER D 83 -2.75 -6.70 -4.73
N ALA D 84 -2.97 -7.61 -3.79
CA ALA D 84 -4.15 -7.58 -2.92
C ALA D 84 -3.72 -7.22 -1.51
N SER D 85 -4.33 -6.19 -0.95
CA SER D 85 -3.98 -5.71 0.37
C SER D 85 -5.25 -5.48 1.18
N GLN D 86 -5.09 -5.56 2.50
CA GLN D 86 -6.22 -5.42 3.41
C GLN D 86 -6.72 -3.99 3.49
N ASP D 87 -6.02 -3.04 2.87
CA ASP D 87 -6.57 -1.69 2.72
C ASP D 87 -7.82 -1.69 1.87
N GLY D 88 -8.00 -2.70 1.02
CA GLY D 88 -9.17 -2.81 0.18
C GLY D 88 -8.97 -2.47 -1.29
N LYS D 89 -7.73 -2.44 -1.77
CA LYS D 89 -7.45 -2.03 -3.14
C LYS D 89 -6.64 -3.10 -3.85
N LEU D 90 -7.00 -3.37 -5.10
CA LEU D 90 -6.35 -4.36 -5.95
C LEU D 90 -5.65 -3.60 -7.06
N ILE D 91 -4.41 -3.18 -6.82
CA ILE D 91 -3.68 -2.36 -7.77
C ILE D 91 -3.06 -3.26 -8.83
N ILE D 92 -3.36 -2.97 -10.09
CA ILE D 92 -2.77 -3.69 -11.22
C ILE D 92 -1.57 -2.87 -11.66
N TRP D 93 -0.42 -3.16 -11.07
CA TRP D 93 0.82 -2.48 -11.38
C TRP D 93 1.28 -2.76 -12.80
N ASP D 94 2.20 -1.93 -13.26
CA ASP D 94 2.95 -2.17 -14.49
C ASP D 94 4.41 -2.31 -14.10
N SER D 95 4.97 -3.50 -14.25
CA SER D 95 6.27 -3.81 -13.66
C SER D 95 7.40 -3.01 -14.31
N TYR D 96 7.37 -2.83 -15.63
CA TYR D 96 8.47 -2.16 -16.31
C TYR D 96 8.49 -0.65 -16.10
N THR D 97 7.44 -0.07 -15.53
CA THR D 97 7.37 1.37 -15.35
C THR D 97 6.87 1.78 -13.97
N THR D 98 6.64 0.83 -13.06
CA THR D 98 6.16 1.11 -11.70
C THR D 98 4.88 1.94 -11.68
N ASN D 99 4.10 1.86 -12.75
CA ASN D 99 2.85 2.61 -12.86
C ASN D 99 1.72 1.84 -12.19
N LYS D 100 0.53 2.46 -12.16
CA LYS D 100 -0.67 1.83 -11.64
C LYS D 100 -1.76 1.91 -12.72
N VAL D 101 -1.92 0.82 -13.46
CA VAL D 101 -2.94 0.79 -14.52
C VAL D 101 -4.33 0.90 -13.92
N HIS D 102 -4.60 0.19 -12.83
CA HIS D 102 -5.92 0.15 -12.23
C HIS D 102 -5.80 0.09 -10.72
N ALA D 103 -6.84 0.59 -10.05
CA ALA D 103 -6.96 0.53 -8.59
C ALA D 103 -8.36 0.00 -8.29
N ILE D 104 -8.49 -1.32 -8.27
CA ILE D 104 -9.79 -1.97 -8.13
C ILE D 104 -10.23 -1.85 -6.68
N PRO D 105 -11.37 -1.24 -6.41
CA PRO D 105 -11.88 -1.20 -5.04
C PRO D 105 -12.51 -2.54 -4.65
N LEU D 106 -12.57 -2.77 -3.34
CA LEU D 106 -13.07 -4.02 -2.80
C LEU D 106 -14.25 -3.75 -1.88
N ARG D 107 -15.25 -4.63 -1.96
CA ARG D 107 -16.39 -4.52 -1.06
C ARG D 107 -15.99 -4.76 0.38
N SER D 108 -15.26 -5.85 0.64
CA SER D 108 -14.78 -6.18 1.97
C SER D 108 -13.25 -6.19 1.93
N SER D 109 -12.63 -5.35 2.75
CA SER D 109 -11.18 -5.21 2.73
C SER D 109 -10.51 -6.30 3.54
N TRP D 110 -10.87 -7.55 3.27
CA TRP D 110 -10.22 -8.72 3.89
C TRP D 110 -9.92 -9.67 2.73
N VAL D 111 -8.75 -9.52 2.12
CA VAL D 111 -8.39 -10.28 0.93
C VAL D 111 -7.12 -11.06 1.20
N MET D 112 -7.13 -12.35 0.85
CA MET D 112 -5.97 -13.21 0.96
C MET D 112 -5.55 -13.80 -0.37
N THR D 113 -6.32 -13.61 -1.43
CA THR D 113 -6.02 -14.22 -2.72
C THR D 113 -6.12 -13.17 -3.81
N CYS D 114 -5.40 -13.39 -4.90
CA CYS D 114 -5.63 -12.64 -6.12
C CYS D 114 -5.16 -13.47 -7.29
N ALA D 115 -6.03 -13.60 -8.29
CA ALA D 115 -5.73 -14.36 -9.50
C ALA D 115 -5.84 -13.43 -10.71
N TYR D 116 -4.89 -13.56 -11.61
CA TYR D 116 -4.89 -12.80 -12.86
C TYR D 116 -5.14 -13.78 -14.00
N ALA D 117 -6.19 -13.53 -14.77
CA ALA D 117 -6.61 -14.47 -15.78
C ALA D 117 -5.57 -14.58 -16.88
N PRO D 118 -5.47 -15.73 -17.54
CA PRO D 118 -4.49 -15.87 -18.63
C PRO D 118 -4.69 -14.87 -19.75
N SER D 119 -5.93 -14.53 -20.07
CA SER D 119 -6.21 -13.54 -21.11
C SER D 119 -6.05 -12.12 -20.62
N GLY D 120 -5.92 -11.90 -19.32
CA GLY D 120 -5.74 -10.58 -18.79
C GLY D 120 -6.99 -9.74 -18.67
N ASN D 121 -8.17 -10.36 -18.77
CA ASN D 121 -9.42 -9.63 -18.70
C ASN D 121 -10.06 -9.65 -17.32
N TYR D 122 -9.68 -10.58 -16.46
CA TYR D 122 -10.33 -10.75 -15.17
C TYR D 122 -9.32 -10.79 -14.04
N VAL D 123 -9.70 -10.22 -12.90
CA VAL D 123 -8.94 -10.30 -11.66
C VAL D 123 -9.86 -10.84 -10.58
N ALA D 124 -9.37 -11.80 -9.82
CA ALA D 124 -10.11 -12.42 -8.73
C ALA D 124 -9.62 -11.92 -7.40
N CYS D 125 -10.54 -11.78 -6.44
CA CYS D 125 -10.19 -11.45 -5.07
C CYS D 125 -11.09 -12.25 -4.14
N GLY D 126 -10.60 -12.51 -2.94
CA GLY D 126 -11.39 -13.25 -1.97
C GLY D 126 -10.74 -13.24 -0.61
N GLY D 127 -11.54 -13.53 0.40
CA GLY D 127 -11.05 -13.53 1.76
C GLY D 127 -12.02 -14.08 2.78
N LEU D 128 -12.13 -13.41 3.93
CA LEU D 128 -12.92 -13.90 5.04
C LEU D 128 -14.42 -13.84 4.79
N ASP D 129 -14.87 -13.17 3.73
CA ASP D 129 -16.30 -13.11 3.46
C ASP D 129 -16.81 -14.31 2.68
N ASN D 130 -15.98 -15.33 2.48
CA ASN D 130 -16.35 -16.58 1.83
C ASN D 130 -16.84 -16.37 0.40
N ILE D 131 -16.49 -15.24 -0.22
CA ILE D 131 -17.00 -14.88 -1.54
C ILE D 131 -15.81 -14.52 -2.43
N CYS D 132 -15.73 -15.16 -3.60
CA CYS D 132 -14.72 -14.85 -4.59
C CYS D 132 -15.35 -13.96 -5.64
N SER D 133 -14.76 -12.78 -5.85
CA SER D 133 -15.32 -11.78 -6.76
C SER D 133 -14.47 -11.74 -8.02
N ILE D 134 -15.11 -11.92 -9.17
CA ILE D 134 -14.43 -11.83 -10.45
C ILE D 134 -14.61 -10.43 -10.98
N TYR D 135 -13.50 -9.71 -11.17
CA TYR D 135 -13.51 -8.32 -11.58
C TYR D 135 -13.18 -8.21 -13.05
N ASN D 136 -14.03 -7.54 -13.80
CA ASN D 136 -13.83 -7.35 -15.24
C ASN D 136 -12.97 -6.13 -15.47
N LEU D 137 -11.94 -6.29 -16.30
CA LEU D 137 -11.02 -5.20 -16.61
C LEU D 137 -11.37 -4.50 -17.91
N LYS D 138 -11.61 -5.26 -18.97
CA LYS D 138 -11.91 -4.70 -20.29
C LYS D 138 -13.41 -4.53 -20.42
N THR D 139 -13.89 -3.33 -20.13
CA THR D 139 -15.30 -2.98 -20.29
C THR D 139 -15.42 -1.72 -21.11
N ARG D 140 -16.53 -1.60 -21.84
CA ARG D 140 -16.75 -0.43 -22.69
C ARG D 140 -16.91 0.85 -21.89
N GLU D 141 -17.21 0.74 -20.60
CA GLU D 141 -17.41 1.93 -19.77
C GLU D 141 -16.11 2.49 -19.21
N GLY D 142 -14.99 1.79 -19.40
CA GLY D 142 -13.71 2.29 -18.92
C GLY D 142 -13.45 2.07 -17.45
N ASN D 143 -14.37 1.44 -16.73
CA ASN D 143 -14.19 1.17 -15.31
C ASN D 143 -14.21 -0.34 -15.06
N VAL D 144 -13.63 -0.73 -13.93
CA VAL D 144 -13.52 -2.12 -13.54
C VAL D 144 -14.64 -2.42 -12.55
N ARG D 145 -15.55 -3.31 -12.93
CA ARG D 145 -16.72 -3.61 -12.12
C ARG D 145 -16.82 -5.11 -11.93
N VAL D 146 -17.52 -5.51 -10.87
CA VAL D 146 -17.72 -6.93 -10.62
C VAL D 146 -18.52 -7.53 -11.76
N SER D 147 -18.22 -8.79 -12.06
CA SER D 147 -18.96 -9.53 -13.07
C SER D 147 -19.79 -10.67 -12.49
N ARG D 148 -19.25 -11.38 -11.50
CA ARG D 148 -19.97 -12.47 -10.85
C ARG D 148 -19.33 -12.74 -9.50
N GLU D 149 -20.07 -12.53 -8.43
CA GLU D 149 -19.59 -12.85 -7.08
C GLU D 149 -19.92 -14.30 -6.79
N LEU D 150 -18.90 -15.13 -6.67
CA LEU D 150 -19.06 -16.56 -6.49
C LEU D 150 -19.16 -16.88 -5.00
N ALA D 151 -20.26 -17.51 -4.60
CA ALA D 151 -20.55 -17.77 -3.20
C ALA D 151 -21.04 -19.20 -3.04
N GLY D 152 -20.90 -19.72 -1.83
CA GLY D 152 -21.27 -21.10 -1.54
C GLY D 152 -20.33 -21.73 -0.55
N HIS D 153 -19.14 -21.17 -0.39
CA HIS D 153 -18.24 -21.62 0.68
C HIS D 153 -18.78 -21.19 2.03
N THR D 154 -18.49 -22.02 3.04
CA THR D 154 -18.85 -21.73 4.42
C THR D 154 -17.64 -21.27 5.24
N GLY D 155 -16.52 -20.98 4.59
CA GLY D 155 -15.32 -20.58 5.29
C GLY D 155 -14.51 -19.60 4.47
N TYR D 156 -13.42 -19.15 5.07
CA TYR D 156 -12.58 -18.13 4.45
C TYR D 156 -11.87 -18.65 3.21
N LEU D 157 -11.49 -17.74 2.33
CA LEU D 157 -10.84 -18.08 1.08
C LEU D 157 -9.33 -18.11 1.25
N SER D 158 -8.68 -18.98 0.50
CA SER D 158 -7.25 -19.17 0.66
C SER D 158 -6.45 -19.01 -0.62
N CYS D 159 -6.97 -19.49 -1.76
CA CYS D 159 -6.28 -19.31 -3.03
C CYS D 159 -7.27 -19.54 -4.16
N CYS D 160 -7.31 -18.60 -5.11
CA CYS D 160 -8.10 -18.73 -6.32
C CYS D 160 -7.17 -18.68 -7.51
N ARG D 161 -7.37 -19.61 -8.45
CA ARG D 161 -6.57 -19.67 -9.66
C ARG D 161 -7.50 -19.83 -10.86
N PHE D 162 -7.25 -19.07 -11.92
CA PHE D 162 -8.07 -19.13 -13.11
C PHE D 162 -7.65 -20.30 -13.99
N LEU D 163 -8.60 -21.13 -14.38
CA LEU D 163 -8.33 -22.18 -15.36
C LEU D 163 -8.37 -21.61 -16.77
N ASP D 164 -9.49 -20.97 -17.12
CA ASP D 164 -9.63 -20.18 -18.33
C ASP D 164 -10.40 -18.93 -17.94
N ASP D 165 -10.92 -18.22 -18.93
CA ASP D 165 -11.69 -17.02 -18.63
C ASP D 165 -13.05 -17.33 -18.01
N ASN D 166 -13.47 -18.59 -17.99
CA ASN D 166 -14.80 -18.96 -17.52
C ASN D 166 -14.82 -19.82 -16.28
N GLN D 167 -13.72 -20.49 -15.93
CA GLN D 167 -13.67 -21.39 -14.80
C GLN D 167 -12.58 -20.96 -13.83
N ILE D 168 -12.87 -20.99 -12.55
CA ILE D 168 -11.94 -20.61 -11.50
C ILE D 168 -11.91 -21.71 -10.45
N VAL D 169 -10.71 -22.19 -10.11
CA VAL D 169 -10.52 -23.21 -9.10
C VAL D 169 -10.18 -22.51 -7.78
N THR D 170 -10.97 -22.78 -6.75
CA THR D 170 -10.94 -22.04 -5.51
C THR D 170 -10.82 -22.99 -4.34
N SER D 171 -9.85 -22.74 -3.45
CA SER D 171 -9.66 -23.53 -2.24
C SER D 171 -9.93 -22.65 -1.04
N SER D 172 -10.81 -23.15 -0.19
CA SER D 172 -11.25 -22.33 0.95
C SER D 172 -10.96 -23.00 2.26
N GLY D 173 -11.42 -22.39 3.33
CA GLY D 173 -11.15 -22.91 4.66
C GLY D 173 -12.15 -23.90 5.19
N ASP D 174 -13.16 -24.23 4.38
CA ASP D 174 -14.21 -25.18 4.77
C ASP D 174 -13.81 -26.58 4.34
N THR D 175 -12.56 -26.95 4.56
CA THR D 175 -12.03 -28.27 4.22
C THR D 175 -12.37 -28.68 2.78
N THR D 176 -12.59 -27.70 1.89
CA THR D 176 -13.02 -28.02 0.54
C THR D 176 -12.34 -27.10 -0.48
N CYS D 177 -12.16 -27.64 -1.68
CA CYS D 177 -11.82 -26.86 -2.87
C CYS D 177 -12.99 -26.98 -3.85
N ALA D 178 -12.99 -26.10 -4.86
CA ALA D 178 -14.14 -26.05 -5.75
C ALA D 178 -13.73 -25.54 -7.13
N LEU D 179 -14.41 -26.07 -8.14
CA LEU D 179 -14.37 -25.52 -9.49
C LEU D 179 -15.67 -24.76 -9.75
N TRP D 180 -15.54 -23.52 -10.17
CA TRP D 180 -16.69 -22.65 -10.40
C TRP D 180 -16.88 -22.38 -11.88
N ASP D 181 -18.13 -22.26 -12.30
CA ASP D 181 -18.48 -21.79 -13.63
C ASP D 181 -19.01 -20.38 -13.49
N ILE D 182 -18.26 -19.41 -14.00
CA ILE D 182 -18.57 -17.99 -13.73
C ILE D 182 -19.87 -17.57 -14.40
N GLU D 183 -20.14 -18.08 -15.61
CA GLU D 183 -21.30 -17.63 -16.36
C GLU D 183 -22.60 -17.95 -15.63
N THR D 184 -22.70 -19.15 -15.05
CA THR D 184 -23.87 -19.52 -14.28
C THR D 184 -23.72 -19.28 -12.78
N GLY D 185 -22.48 -19.19 -12.29
CA GLY D 185 -22.23 -18.95 -10.89
C GLY D 185 -22.32 -20.16 -9.99
N GLN D 186 -22.52 -21.35 -10.56
CA GLN D 186 -22.71 -22.57 -9.79
C GLN D 186 -21.39 -23.31 -9.62
N GLN D 187 -21.24 -23.96 -8.46
CA GLN D 187 -20.10 -24.82 -8.22
C GLN D 187 -20.28 -26.08 -9.05
N THR D 188 -19.65 -26.11 -10.23
CA THR D 188 -19.79 -27.27 -11.08
C THR D 188 -19.24 -28.53 -10.40
N THR D 189 -18.11 -28.40 -9.72
CA THR D 189 -17.50 -29.52 -9.01
C THR D 189 -17.11 -29.07 -7.60
N THR D 190 -17.41 -29.91 -6.62
CA THR D 190 -16.97 -29.70 -5.25
C THR D 190 -15.96 -30.77 -4.87
N PHE D 191 -14.94 -30.37 -4.14
CA PHE D 191 -13.84 -31.26 -3.78
C PHE D 191 -13.84 -31.47 -2.27
N THR D 192 -13.79 -32.73 -1.85
CA THR D 192 -13.76 -33.08 -0.45
C THR D 192 -12.66 -34.11 -0.21
N GLY D 193 -12.15 -34.15 1.02
CA GLY D 193 -11.14 -35.12 1.36
C GLY D 193 -10.09 -34.58 2.31
N HIS D 194 -10.14 -33.28 2.58
CA HIS D 194 -9.16 -32.66 3.45
C HIS D 194 -9.69 -32.61 4.88
N THR D 195 -8.89 -33.09 5.82
CA THR D 195 -9.23 -33.03 7.24
C THR D 195 -8.59 -31.80 7.88
N GLY D 196 -8.92 -30.64 7.33
CA GLY D 196 -8.37 -29.40 7.83
C GLY D 196 -8.62 -28.27 6.86
N ASP D 197 -8.14 -27.10 7.24
CA ASP D 197 -8.36 -25.88 6.47
C ASP D 197 -7.39 -25.83 5.30
N VAL D 198 -7.93 -25.85 4.08
CA VAL D 198 -7.10 -25.74 2.89
C VAL D 198 -6.52 -24.33 2.81
N MET D 199 -5.22 -24.24 2.54
CA MET D 199 -4.52 -22.97 2.64
C MET D 199 -3.93 -22.45 1.33
N SER D 200 -3.54 -23.33 0.40
CA SER D 200 -3.06 -22.84 -0.88
C SER D 200 -3.17 -23.94 -1.93
N LEU D 201 -3.42 -23.53 -3.18
CA LEU D 201 -3.57 -24.44 -4.30
C LEU D 201 -2.70 -23.98 -5.47
N SER D 202 -2.27 -24.95 -6.27
CA SER D 202 -1.47 -24.67 -7.46
C SER D 202 -2.04 -25.44 -8.64
N LEU D 203 -1.93 -24.86 -9.83
CA LEU D 203 -2.50 -25.41 -11.05
C LEU D 203 -1.39 -25.92 -11.94
N ALA D 204 -1.55 -27.16 -12.42
CA ALA D 204 -0.56 -27.75 -13.30
C ALA D 204 -0.56 -27.03 -14.64
N PRO D 205 0.56 -27.02 -15.35
CA PRO D 205 0.61 -26.31 -16.64
C PRO D 205 -0.08 -27.08 -17.77
N ASP D 206 -1.25 -27.64 -17.47
CA ASP D 206 -2.13 -28.18 -18.50
C ASP D 206 -3.60 -27.96 -18.18
N THR D 207 -3.92 -27.27 -17.09
CA THR D 207 -5.30 -27.00 -16.67
C THR D 207 -6.11 -28.30 -16.57
N ARG D 208 -5.47 -29.34 -16.05
CA ARG D 208 -6.12 -30.65 -15.91
C ARG D 208 -5.98 -31.19 -14.50
N LEU D 209 -4.90 -30.83 -13.82
CA LEU D 209 -4.65 -31.29 -12.46
C LEU D 209 -4.28 -30.10 -11.59
N PHE D 210 -4.63 -30.19 -10.31
CA PHE D 210 -4.30 -29.13 -9.37
C PHE D 210 -4.13 -29.72 -7.98
N VAL D 211 -3.12 -29.26 -7.27
CA VAL D 211 -2.76 -29.79 -5.96
C VAL D 211 -3.01 -28.75 -4.89
N SER D 212 -3.40 -29.22 -3.71
CA SER D 212 -3.75 -28.35 -2.60
C SER D 212 -3.11 -28.86 -1.32
N GLY D 213 -2.86 -27.95 -0.39
CA GLY D 213 -2.26 -28.29 0.88
C GLY D 213 -2.98 -27.65 2.05
N ALA D 214 -3.51 -28.46 2.96
CA ALA D 214 -4.30 -27.97 4.06
C ALA D 214 -3.48 -27.93 5.35
N CYS D 215 -4.13 -27.51 6.43
CA CYS D 215 -3.48 -27.47 7.74
C CYS D 215 -3.25 -28.85 8.32
N ASP D 216 -3.78 -29.90 7.70
CA ASP D 216 -3.60 -31.26 8.17
C ASP D 216 -2.26 -31.85 7.79
N ALA D 217 -1.29 -31.00 7.40
CA ALA D 217 0.05 -31.45 7.02
C ALA D 217 0.00 -32.47 5.89
N SER D 218 -0.88 -32.21 4.92
CA SER D 218 -1.03 -33.11 3.78
C SER D 218 -1.19 -32.30 2.50
N ALA D 219 -0.66 -32.84 1.42
CA ALA D 219 -0.84 -32.27 0.09
C ALA D 219 -1.59 -33.28 -0.77
N LYS D 220 -2.65 -32.81 -1.44
CA LYS D 220 -3.54 -33.70 -2.18
C LYS D 220 -3.62 -33.27 -3.64
N LEU D 221 -3.54 -34.23 -4.54
CA LEU D 221 -3.74 -33.99 -5.96
C LEU D 221 -5.20 -34.20 -6.32
N TRP D 222 -5.71 -33.35 -7.21
CA TRP D 222 -7.08 -33.44 -7.66
C TRP D 222 -7.15 -33.33 -9.18
N ASP D 223 -8.12 -34.03 -9.76
CA ASP D 223 -8.39 -33.98 -11.18
C ASP D 223 -9.67 -33.18 -11.40
N VAL D 224 -9.53 -31.97 -11.94
CA VAL D 224 -10.67 -31.08 -12.08
C VAL D 224 -11.69 -31.60 -13.08
N ARG D 225 -11.28 -32.50 -13.98
CA ARG D 225 -12.23 -33.05 -14.95
C ARG D 225 -13.31 -33.87 -14.27
N GLU D 226 -12.94 -34.66 -13.27
CA GLU D 226 -13.88 -35.55 -12.61
C GLU D 226 -14.28 -35.05 -11.22
N GLY D 227 -13.30 -34.82 -10.35
CA GLY D 227 -13.60 -34.25 -9.05
C GLY D 227 -13.13 -35.06 -7.87
N MET D 228 -12.34 -36.09 -8.12
CA MET D 228 -11.86 -36.97 -7.06
C MET D 228 -10.36 -36.79 -6.87
N CYS D 229 -9.91 -37.11 -5.66
CA CYS D 229 -8.48 -37.10 -5.38
C CYS D 229 -7.79 -38.18 -6.20
N ARG D 230 -6.53 -37.93 -6.54
CA ARG D 230 -5.70 -38.92 -7.22
C ARG D 230 -4.61 -39.48 -6.32
N GLN D 231 -3.92 -38.61 -5.58
CA GLN D 231 -2.88 -39.03 -4.66
C GLN D 231 -2.95 -38.15 -3.42
N THR D 232 -2.47 -38.69 -2.30
CA THR D 232 -2.31 -37.92 -1.08
C THR D 232 -0.86 -37.94 -0.67
N PHE D 233 -0.29 -36.75 -0.46
CA PHE D 233 1.11 -36.60 -0.11
C PHE D 233 1.21 -36.10 1.33
N THR D 234 1.94 -36.85 2.15
CA THR D 234 2.13 -36.50 3.54
C THR D 234 3.62 -36.53 3.85
N GLY D 235 3.96 -36.09 5.06
CA GLY D 235 5.34 -36.07 5.49
C GLY D 235 5.68 -34.82 6.26
N HIS D 236 4.89 -33.77 6.05
CA HIS D 236 5.08 -32.54 6.78
C HIS D 236 4.58 -32.70 8.21
N GLU D 237 5.17 -31.91 9.12
CA GLU D 237 4.81 -31.96 10.53
C GLU D 237 3.87 -30.84 10.96
N SER D 238 3.71 -29.81 10.14
CA SER D 238 2.89 -28.66 10.50
C SER D 238 2.05 -28.27 9.29
N ASP D 239 1.44 -27.10 9.37
CA ASP D 239 0.54 -26.63 8.33
C ASP D 239 1.29 -26.38 7.03
N ILE D 240 0.61 -26.66 5.92
CA ILE D 240 1.12 -26.29 4.60
C ILE D 240 0.52 -24.93 4.26
N ASN D 241 1.38 -23.92 4.17
CA ASN D 241 0.93 -22.55 3.94
C ASN D 241 1.13 -22.09 2.50
N ALA D 242 1.76 -22.90 1.66
CA ALA D 242 1.96 -22.54 0.28
C ALA D 242 2.19 -23.81 -0.53
N ILE D 243 1.96 -23.71 -1.83
CA ILE D 243 2.21 -24.85 -2.71
C ILE D 243 2.42 -24.31 -4.12
N CYS D 244 3.32 -24.96 -4.86
CA CYS D 244 3.66 -24.53 -6.21
C CYS D 244 3.64 -25.75 -7.12
N PHE D 245 4.09 -25.59 -8.37
CA PHE D 245 4.11 -26.69 -9.32
C PHE D 245 5.34 -26.56 -10.20
N PHE D 246 6.03 -27.68 -10.41
CA PHE D 246 7.18 -27.69 -11.31
C PHE D 246 6.73 -27.35 -12.73
N PRO D 247 7.56 -26.66 -13.50
CA PRO D 247 7.16 -26.32 -14.88
C PRO D 247 6.85 -27.53 -15.74
N ASN D 248 7.54 -28.66 -15.53
CA ASN D 248 7.30 -29.84 -16.35
C ASN D 248 6.05 -30.61 -15.92
N GLY D 249 5.44 -30.25 -14.79
CA GLY D 249 4.17 -30.82 -14.40
C GLY D 249 4.23 -32.18 -13.76
N ASN D 250 5.40 -32.64 -13.31
CA ASN D 250 5.52 -33.93 -12.65
C ASN D 250 6.06 -33.83 -11.24
N ALA D 251 6.12 -32.62 -10.67
CA ALA D 251 6.57 -32.43 -9.31
C ALA D 251 5.94 -31.15 -8.77
N PHE D 252 5.92 -31.03 -7.45
CA PHE D 252 5.39 -29.83 -6.83
C PHE D 252 6.04 -29.65 -5.47
N ALA D 253 6.27 -28.39 -5.09
CA ALA D 253 7.01 -28.03 -3.90
C ALA D 253 6.06 -27.50 -2.85
N THR D 254 6.19 -28.00 -1.63
CA THR D 254 5.26 -27.69 -0.55
C THR D 254 5.93 -26.75 0.44
N GLY D 255 5.31 -25.60 0.67
CA GLY D 255 5.74 -24.70 1.72
C GLY D 255 4.98 -25.04 3.00
N SER D 256 5.71 -25.09 4.10
CA SER D 256 5.16 -25.53 5.37
C SER D 256 5.24 -24.42 6.40
N ASP D 257 4.91 -24.75 7.64
CA ASP D 257 5.08 -23.85 8.77
C ASP D 257 6.10 -24.35 9.77
N ASP D 258 6.77 -25.46 9.45
CA ASP D 258 7.86 -25.99 10.25
C ASP D 258 9.23 -25.70 9.65
N ALA D 259 9.34 -24.63 8.85
CA ALA D 259 10.56 -24.10 8.26
C ALA D 259 11.17 -25.02 7.21
N THR D 260 10.47 -26.07 6.79
CA THR D 260 11.01 -27.00 5.81
C THR D 260 10.10 -27.03 4.59
N CYS D 261 10.65 -26.64 3.44
CA CYS D 261 10.00 -26.92 2.17
C CYS D 261 10.33 -28.34 1.73
N ARG D 262 9.56 -28.84 0.77
CA ARG D 262 9.74 -30.19 0.28
C ARG D 262 9.48 -30.23 -1.22
N LEU D 263 10.00 -31.28 -1.87
CA LEU D 263 9.79 -31.51 -3.29
C LEU D 263 9.09 -32.85 -3.45
N PHE D 264 7.76 -32.82 -3.42
CA PHE D 264 6.96 -34.03 -3.54
C PHE D 264 6.82 -34.37 -5.01
N ASP D 265 7.43 -35.47 -5.43
CA ASP D 265 7.29 -35.92 -6.81
C ASP D 265 5.89 -36.51 -7.04
N LEU D 266 5.39 -36.33 -8.25
CA LEU D 266 4.03 -36.78 -8.58
C LEU D 266 4.01 -38.27 -8.89
N ARG D 267 4.75 -38.69 -9.92
CA ARG D 267 4.74 -40.09 -10.31
C ARG D 267 5.33 -40.98 -9.22
N ALA D 268 6.38 -40.51 -8.56
CA ALA D 268 7.01 -41.29 -7.49
C ALA D 268 6.16 -41.32 -6.22
N ASP D 269 5.28 -40.34 -6.04
CA ASP D 269 4.37 -40.28 -4.88
C ASP D 269 5.14 -40.27 -3.56
N GLN D 270 6.29 -39.59 -3.55
CA GLN D 270 7.14 -39.52 -2.38
C GLN D 270 7.75 -38.12 -2.30
N GLU D 271 8.68 -37.95 -1.37
CA GLU D 271 9.40 -36.70 -1.21
C GLU D 271 10.84 -36.90 -1.64
N LEU D 272 11.33 -36.01 -2.50
CA LEU D 272 12.66 -36.18 -3.08
C LEU D 272 13.72 -35.44 -2.28
N MET D 273 13.42 -34.24 -1.78
CA MET D 273 14.40 -33.48 -1.03
C MET D 273 13.69 -32.50 -0.12
N THR D 274 14.22 -32.35 1.10
CA THR D 274 13.69 -31.41 2.08
C THR D 274 14.71 -30.31 2.31
N TYR D 275 14.27 -29.06 2.15
CA TYR D 275 15.16 -27.90 2.23
C TYR D 275 14.99 -27.27 3.60
N SER D 276 15.72 -27.81 4.58
CA SER D 276 15.63 -27.37 5.96
C SER D 276 17.00 -26.89 6.44
N HIS D 277 16.99 -25.85 7.26
CA HIS D 277 18.21 -25.31 7.84
C HIS D 277 18.02 -25.12 9.33
N ASP D 278 19.11 -25.31 10.08
CA ASP D 278 19.03 -25.18 11.53
C ASP D 278 18.78 -23.74 11.97
N ASN D 279 19.23 -22.77 11.17
CA ASN D 279 19.06 -21.37 11.55
C ASN D 279 17.61 -20.93 11.46
N ILE D 280 16.87 -21.43 10.47
CA ILE D 280 15.52 -20.94 10.21
C ILE D 280 14.56 -21.50 11.23
N ILE D 281 13.83 -20.61 11.92
CA ILE D 281 12.81 -21.01 12.87
C ILE D 281 11.43 -20.52 12.50
N CYS D 282 11.30 -19.69 11.47
CA CYS D 282 10.02 -19.18 11.02
C CYS D 282 9.40 -20.17 10.04
N GLY D 283 8.33 -19.76 9.35
CA GLY D 283 7.66 -20.59 8.38
C GLY D 283 7.82 -20.07 6.96
N ILE D 284 7.36 -20.89 6.02
CA ILE D 284 7.37 -20.54 4.61
C ILE D 284 5.97 -20.09 4.22
N THR D 285 5.86 -18.85 3.73
CA THR D 285 4.56 -18.28 3.41
C THR D 285 4.16 -18.50 1.96
N SER D 286 5.10 -18.39 1.03
CA SER D 286 4.83 -18.64 -0.38
C SER D 286 6.03 -19.34 -1.01
N VAL D 287 5.74 -20.17 -2.01
CA VAL D 287 6.78 -20.91 -2.72
C VAL D 287 6.51 -20.80 -4.21
N SER D 288 7.54 -20.46 -4.97
CA SER D 288 7.44 -20.33 -6.42
C SER D 288 8.73 -20.80 -7.07
N PHE D 289 8.61 -21.51 -8.18
CA PHE D 289 9.76 -22.03 -8.90
C PHE D 289 10.22 -21.02 -9.95
N SER D 290 11.32 -21.36 -10.62
CA SER D 290 11.83 -20.58 -11.73
C SER D 290 11.53 -21.32 -13.04
N LYS D 291 11.86 -20.67 -14.16
CA LYS D 291 11.52 -21.26 -15.46
C LYS D 291 12.27 -22.56 -15.70
N SER D 292 13.56 -22.60 -15.37
CA SER D 292 14.35 -23.79 -15.59
C SER D 292 14.15 -24.84 -14.51
N GLY D 293 13.57 -24.47 -13.37
CA GLY D 293 13.40 -25.38 -12.27
C GLY D 293 14.59 -25.54 -11.36
N ARG D 294 15.67 -24.79 -11.58
CA ARG D 294 16.84 -24.89 -10.71
C ARG D 294 16.62 -24.21 -9.37
N LEU D 295 15.85 -23.14 -9.33
CA LEU D 295 15.73 -22.32 -8.13
C LEU D 295 14.33 -22.47 -7.54
N LEU D 296 14.27 -22.68 -6.22
CA LEU D 296 13.01 -22.77 -5.47
C LEU D 296 12.90 -21.53 -4.60
N LEU D 297 12.32 -20.48 -5.17
CA LEU D 297 12.14 -19.24 -4.44
C LEU D 297 11.12 -19.44 -3.32
N ALA D 298 11.58 -19.39 -2.07
CA ALA D 298 10.72 -19.57 -0.91
C ALA D 298 10.74 -18.30 -0.07
N GLY D 299 9.56 -17.85 0.32
CA GLY D 299 9.44 -16.64 1.12
C GLY D 299 9.22 -16.91 2.59
N TYR D 300 10.26 -16.74 3.40
CA TYR D 300 10.19 -17.03 4.82
C TYR D 300 9.64 -15.83 5.58
N ASP D 301 9.19 -16.10 6.80
CA ASP D 301 8.60 -15.05 7.64
C ASP D 301 9.64 -14.17 8.32
N ASP D 302 10.91 -14.58 8.35
CA ASP D 302 11.93 -13.77 9.00
C ASP D 302 12.50 -12.72 8.05
N PHE D 303 11.60 -11.99 7.40
CA PHE D 303 11.95 -10.86 6.54
C PHE D 303 12.97 -11.26 5.49
N ASN D 304 12.77 -12.42 4.88
CA ASN D 304 13.74 -12.98 3.95
C ASN D 304 13.01 -13.69 2.82
N CYS D 305 13.73 -13.90 1.73
CA CYS D 305 13.22 -14.53 0.52
C CYS D 305 14.21 -15.58 0.01
N ASN D 306 14.63 -16.47 0.91
CA ASN D 306 15.70 -17.41 0.64
C ASN D 306 15.52 -18.13 -0.68
N VAL D 307 16.61 -18.30 -1.40
CA VAL D 307 16.63 -18.95 -2.70
C VAL D 307 17.25 -20.33 -2.48
N TRP D 308 16.44 -21.37 -2.68
CA TRP D 308 16.91 -22.73 -2.51
C TRP D 308 17.17 -23.37 -3.87
N ASP D 309 18.32 -23.99 -4.01
CA ASP D 309 18.58 -24.82 -5.18
C ASP D 309 17.68 -26.04 -5.15
N ALA D 310 17.09 -26.37 -6.30
CA ALA D 310 16.05 -27.38 -6.37
C ALA D 310 16.55 -28.75 -6.77
N LEU D 311 17.83 -28.92 -6.94
CA LEU D 311 18.36 -30.24 -7.26
C LEU D 311 19.39 -30.71 -6.26
N LYS D 312 20.22 -29.82 -5.74
CA LYS D 312 21.24 -30.17 -4.75
C LYS D 312 20.75 -30.00 -3.32
N ALA D 313 19.54 -29.49 -3.11
CA ALA D 313 18.97 -29.29 -1.79
C ALA D 313 19.89 -28.43 -0.92
N ASP D 314 20.41 -27.36 -1.50
CA ASP D 314 21.42 -26.54 -0.84
C ASP D 314 21.09 -25.07 -1.02
N ARG D 315 21.73 -24.25 -0.19
CA ARG D 315 21.55 -22.81 -0.26
C ARG D 315 22.06 -22.26 -1.57
N ALA D 316 21.41 -21.20 -2.05
CA ALA D 316 21.82 -20.52 -3.27
C ALA D 316 21.89 -19.01 -3.15
N GLY D 317 21.18 -18.40 -2.21
CA GLY D 317 21.21 -16.96 -2.08
C GLY D 317 20.13 -16.48 -1.13
N VAL D 318 20.23 -15.19 -0.81
CA VAL D 318 19.29 -14.53 0.10
C VAL D 318 18.85 -13.22 -0.54
N LEU D 319 17.55 -12.94 -0.49
CA LEU D 319 17.02 -11.72 -1.08
C LEU D 319 16.43 -10.80 -0.02
N ALA D 320 17.17 -10.57 1.06
CA ALA D 320 16.70 -9.69 2.11
C ALA D 320 16.38 -8.30 1.56
N GLY D 321 15.63 -7.55 2.36
CA GLY D 321 15.27 -6.21 1.95
C GLY D 321 13.89 -5.79 2.41
N HIS D 322 13.14 -6.71 3.00
CA HIS D 322 11.78 -6.45 3.43
C HIS D 322 11.73 -6.25 4.94
N ASP D 323 11.01 -5.24 5.37
CA ASP D 323 10.91 -4.94 6.80
C ASP D 323 10.11 -6.02 7.52
N ASN D 324 8.95 -6.38 6.99
CA ASN D 324 8.09 -7.39 7.57
C ASN D 324 8.20 -8.69 6.78
N ARG D 325 7.34 -9.65 7.09
CA ARG D 325 7.44 -10.97 6.49
C ARG D 325 6.94 -10.97 5.05
N VAL D 326 7.54 -11.83 4.24
CA VAL D 326 7.16 -11.98 2.84
C VAL D 326 5.91 -12.85 2.76
N SER D 327 4.89 -12.36 2.06
CA SER D 327 3.63 -13.07 1.96
C SER D 327 3.24 -13.52 0.56
N CYS D 328 4.01 -13.16 -0.47
CA CYS D 328 3.70 -13.59 -1.81
C CYS D 328 4.94 -13.50 -2.68
N LEU D 329 5.12 -14.51 -3.54
CA LEU D 329 6.21 -14.55 -4.51
C LEU D 329 5.64 -14.81 -5.90
N GLY D 330 6.39 -14.38 -6.91
CA GLY D 330 6.00 -14.65 -8.28
C GLY D 330 7.16 -14.57 -9.24
N VAL D 331 7.34 -15.62 -10.04
CA VAL D 331 8.33 -15.64 -11.11
C VAL D 331 7.56 -15.59 -12.43
N THR D 332 7.98 -14.70 -13.32
CA THR D 332 7.23 -14.40 -14.52
C THR D 332 7.12 -15.63 -15.43
N ASP D 333 6.26 -15.51 -16.44
CA ASP D 333 6.06 -16.63 -17.36
C ASP D 333 7.34 -16.96 -18.10
N ASP D 334 8.11 -15.94 -18.49
CA ASP D 334 9.40 -16.16 -19.14
C ASP D 334 10.54 -16.31 -18.14
N GLY D 335 10.26 -16.25 -16.84
CA GLY D 335 11.29 -16.44 -15.85
C GLY D 335 12.25 -15.29 -15.71
N MET D 336 11.88 -14.10 -16.19
CA MET D 336 12.82 -12.99 -16.19
C MET D 336 12.99 -12.40 -14.80
N ALA D 337 11.91 -12.31 -14.02
CA ALA D 337 11.94 -11.59 -12.76
C ALA D 337 11.25 -12.39 -11.67
N VAL D 338 11.62 -12.10 -10.43
CA VAL D 338 10.95 -12.62 -9.25
C VAL D 338 10.44 -11.45 -8.44
N ALA D 339 9.13 -11.41 -8.22
CA ALA D 339 8.50 -10.33 -7.49
C ALA D 339 8.16 -10.80 -6.08
N THR D 340 8.30 -9.91 -5.11
CA THR D 340 8.09 -10.26 -3.72
C THR D 340 7.26 -9.18 -3.05
N GLY D 341 6.18 -9.58 -2.39
CA GLY D 341 5.36 -8.68 -1.61
C GLY D 341 5.38 -9.06 -0.15
N SER D 342 5.46 -8.06 0.71
CA SER D 342 5.56 -8.27 2.15
C SER D 342 4.53 -7.44 2.88
N TRP D 343 4.47 -7.60 4.19
CA TRP D 343 3.48 -6.91 5.01
C TRP D 343 3.86 -5.47 5.31
N ASP D 344 4.85 -4.92 4.61
CA ASP D 344 5.24 -3.53 4.77
C ASP D 344 4.65 -2.62 3.69
N SER D 345 3.63 -3.10 2.99
CA SER D 345 3.00 -2.36 1.89
C SER D 345 4.01 -2.04 0.78
N PHE D 346 4.91 -2.99 0.52
CA PHE D 346 5.95 -2.82 -0.49
C PHE D 346 5.95 -4.00 -1.43
N LEU D 347 6.40 -3.76 -2.66
CA LEU D 347 6.59 -4.79 -3.67
C LEU D 347 7.92 -4.54 -4.35
N LYS D 348 8.75 -5.57 -4.46
CA LYS D 348 10.05 -5.46 -5.08
C LYS D 348 10.17 -6.48 -6.20
N ILE D 349 10.71 -6.05 -7.33
CA ILE D 349 10.90 -6.90 -8.49
C ILE D 349 12.41 -7.11 -8.66
N TRP D 350 12.90 -8.26 -8.24
CA TRP D 350 14.30 -8.58 -8.38
C TRP D 350 14.59 -9.08 -9.80
N ASN D 351 15.88 -9.28 -10.08
CA ASN D 351 16.31 -9.83 -11.36
C ASN D 351 17.73 -10.37 -11.27
N VAL E 1 -22.97 3.54 -24.48
CA VAL E 1 -21.87 4.39 -24.92
C VAL E 1 -22.30 5.25 -26.10
N GLN E 2 -22.48 6.55 -25.86
CA GLN E 2 -22.92 7.47 -26.89
C GLN E 2 -22.40 8.86 -26.56
N LEU E 3 -21.87 9.55 -27.57
CA LEU E 3 -21.36 10.91 -27.44
C LEU E 3 -21.98 11.74 -28.55
N VAL E 4 -23.14 12.32 -28.27
CA VAL E 4 -23.80 13.20 -29.23
C VAL E 4 -23.36 14.63 -28.97
N GLU E 5 -22.99 15.34 -30.03
CA GLU E 5 -22.52 16.71 -29.93
C GLU E 5 -23.40 17.62 -30.78
N SER E 6 -23.76 18.77 -30.22
CA SER E 6 -24.63 19.70 -30.91
C SER E 6 -24.36 21.10 -30.37
N GLY E 7 -24.87 22.09 -31.09
CA GLY E 7 -24.68 23.48 -30.70
C GLY E 7 -23.99 24.31 -31.75
N GLY E 8 -24.12 23.93 -33.02
CA GLY E 8 -23.54 24.69 -34.10
C GLY E 8 -24.38 24.71 -35.36
N GLY E 9 -24.72 25.90 -35.83
CA GLY E 9 -25.45 26.05 -37.07
C GLY E 9 -24.63 26.76 -38.13
N LEU E 10 -24.92 28.04 -38.34
CA LEU E 10 -24.17 28.89 -39.26
C LEU E 10 -23.68 30.12 -38.51
N VAL E 11 -22.39 30.43 -38.66
CA VAL E 11 -21.76 31.54 -37.96
C VAL E 11 -21.23 32.52 -39.00
N GLN E 12 -21.40 33.81 -38.73
CA GLN E 12 -20.90 34.84 -39.63
C GLN E 12 -19.37 34.84 -39.62
N PRO E 13 -18.74 35.32 -40.70
CA PRO E 13 -17.28 35.31 -40.77
C PRO E 13 -17.23 36.18 -39.52
N GLY E 14 -16.15 36.07 -38.76
CA GLY E 14 -16.01 36.80 -37.52
C GLY E 14 -16.71 36.64 -36.19
N GLY E 15 -17.70 35.75 -36.14
CA GLY E 15 -18.42 35.47 -34.91
C GLY E 15 -17.68 34.48 -34.05
N SER E 16 -18.37 34.03 -32.99
CA SER E 16 -17.84 33.06 -32.06
C SER E 16 -18.94 32.13 -31.62
N ARG E 17 -18.56 30.92 -31.20
CA ARG E 17 -19.54 29.93 -30.77
C ARG E 17 -18.87 28.93 -29.84
N LYS E 18 -19.70 28.19 -29.10
CA LYS E 18 -19.26 27.13 -28.21
C LYS E 18 -19.98 25.84 -28.58
N LEU E 19 -19.24 24.75 -28.62
CA LEU E 19 -19.78 23.45 -29.01
C LEU E 19 -19.96 22.56 -27.79
N SER E 20 -21.13 21.95 -27.67
CA SER E 20 -21.48 21.12 -26.53
C SER E 20 -21.48 19.66 -26.93
N CYS E 21 -20.99 18.80 -26.04
CA CYS E 21 -20.88 17.36 -26.29
C CYS E 21 -21.35 16.64 -25.03
N SER E 22 -22.58 16.15 -25.05
CA SER E 22 -23.17 15.44 -23.91
C SER E 22 -22.82 13.96 -24.00
N ALA E 23 -22.17 13.45 -22.97
CA ALA E 23 -21.69 12.08 -22.93
C ALA E 23 -22.41 11.29 -21.86
N SER E 24 -22.82 10.07 -22.20
CA SER E 24 -23.51 9.20 -21.26
C SER E 24 -23.25 7.76 -21.65
N GLY E 25 -22.69 6.98 -20.74
CA GLY E 25 -22.43 5.59 -21.00
C GLY E 25 -21.15 5.05 -20.40
N PHE E 26 -20.33 5.92 -19.83
CA PHE E 26 -19.05 5.50 -19.26
C PHE E 26 -18.63 6.49 -18.20
N ALA E 27 -17.41 6.33 -17.68
CA ALA E 27 -16.84 7.24 -16.69
C ALA E 27 -16.06 8.33 -17.42
N PHE E 28 -16.52 9.57 -17.27
CA PHE E 28 -15.88 10.69 -17.96
C PHE E 28 -14.53 11.04 -17.33
N SER E 29 -14.40 10.92 -16.01
CA SER E 29 -13.21 11.40 -15.33
C SER E 29 -11.96 10.66 -15.79
N SER E 30 -12.06 9.35 -15.99
CA SER E 30 -10.91 8.55 -16.37
C SER E 30 -10.64 8.58 -17.87
N PHE E 31 -11.48 9.24 -18.65
CA PHE E 31 -11.39 9.24 -20.11
C PHE E 31 -10.98 10.62 -20.60
N GLY E 32 -9.88 10.68 -21.36
CA GLY E 32 -9.54 11.89 -22.07
C GLY E 32 -10.40 12.05 -23.31
N MET E 33 -10.50 13.29 -23.78
CA MET E 33 -11.34 13.59 -24.93
C MET E 33 -10.58 14.45 -25.92
N HIS E 34 -10.67 14.08 -27.20
CA HIS E 34 -10.05 14.80 -28.30
C HIS E 34 -11.09 15.64 -29.03
N TRP E 35 -10.70 16.24 -30.14
CA TRP E 35 -11.60 16.93 -31.05
C TRP E 35 -11.01 16.84 -32.44
N VAL E 36 -11.77 16.27 -33.37
CA VAL E 36 -11.31 16.05 -34.74
C VAL E 36 -12.35 16.62 -35.70
N ARG E 37 -11.90 17.34 -36.72
CA ARG E 37 -12.77 17.96 -37.70
C ARG E 37 -12.40 17.48 -39.09
N GLN E 38 -13.37 17.57 -40.01
CA GLN E 38 -13.16 17.17 -41.39
C GLN E 38 -13.94 18.10 -42.31
N ALA E 39 -13.23 18.87 -43.12
CA ALA E 39 -13.89 19.77 -44.06
C ALA E 39 -14.57 18.96 -45.17
N PRO E 40 -15.66 19.48 -45.73
CA PRO E 40 -16.35 18.76 -46.81
C PRO E 40 -15.42 18.53 -47.98
N GLU E 41 -15.52 17.33 -48.56
CA GLU E 41 -14.67 16.91 -49.68
C GLU E 41 -13.19 17.05 -49.31
N LYS E 42 -12.85 16.72 -48.06
CA LYS E 42 -11.49 16.85 -47.56
C LYS E 42 -11.25 15.74 -46.55
N GLY E 43 -10.18 15.89 -45.75
CA GLY E 43 -9.78 14.89 -44.80
C GLY E 43 -9.92 15.35 -43.35
N LEU E 44 -9.56 14.43 -42.46
CA LEU E 44 -9.65 14.69 -41.03
C LEU E 44 -8.53 15.61 -40.58
N GLU E 45 -8.81 16.43 -39.57
CA GLU E 45 -7.83 17.36 -39.01
C GLU E 45 -8.02 17.45 -37.51
N TRP E 46 -6.91 17.38 -36.78
CA TRP E 46 -6.92 17.43 -35.33
C TRP E 46 -7.16 18.86 -34.85
N VAL E 47 -7.82 18.99 -33.70
CA VAL E 47 -8.17 20.30 -33.15
C VAL E 47 -7.57 20.48 -31.76
N ALA E 48 -7.94 19.63 -30.81
CA ALA E 48 -7.47 19.80 -29.45
C ALA E 48 -7.64 18.50 -28.67
N TYR E 49 -7.13 18.50 -27.44
CA TYR E 49 -7.29 17.36 -26.54
C TYR E 49 -7.20 17.86 -25.11
N ILE E 50 -7.96 17.22 -24.22
CA ILE E 50 -7.92 17.48 -22.80
C ILE E 50 -7.82 16.15 -22.06
N SER E 51 -6.90 16.07 -21.10
CA SER E 51 -6.61 14.81 -20.42
C SER E 51 -7.45 14.68 -19.16
N SER E 52 -7.27 13.56 -18.46
CA SER E 52 -7.98 13.33 -17.21
C SER E 52 -7.51 14.33 -16.15
N GLY E 53 -8.46 14.89 -15.43
CA GLY E 53 -8.15 15.90 -14.43
C GLY E 53 -7.85 17.27 -15.00
N SER E 54 -8.04 17.47 -16.30
CA SER E 54 -7.72 18.73 -16.97
C SER E 54 -6.28 19.13 -16.71
N GLY E 55 -5.38 18.16 -16.75
CA GLY E 55 -3.97 18.40 -16.51
C GLY E 55 -3.25 18.92 -17.73
N THR E 56 -3.29 18.17 -18.82
CA THR E 56 -2.59 18.53 -20.05
C THR E 56 -3.61 18.86 -21.13
N ILE E 57 -3.45 20.03 -21.75
CA ILE E 57 -4.29 20.46 -22.85
C ILE E 57 -3.39 20.85 -24.01
N TYR E 58 -3.73 20.39 -25.21
CA TYR E 58 -2.99 20.71 -26.42
C TYR E 58 -3.97 21.22 -27.48
N TYR E 59 -3.45 22.02 -28.40
CA TYR E 59 -4.24 22.56 -29.50
C TYR E 59 -3.44 22.44 -30.79
N ALA E 60 -4.16 22.40 -31.91
CA ALA E 60 -3.50 22.31 -33.20
C ALA E 60 -2.78 23.60 -33.53
N ASP E 61 -1.73 23.48 -34.34
CA ASP E 61 -0.95 24.66 -34.71
C ASP E 61 -1.77 25.64 -35.54
N THR E 62 -2.62 25.13 -36.43
CA THR E 62 -3.38 26.00 -37.31
C THR E 62 -4.51 26.74 -36.59
N VAL E 63 -4.86 26.31 -35.38
CA VAL E 63 -5.93 26.96 -34.63
C VAL E 63 -5.45 27.29 -33.22
N LYS E 64 -4.14 27.46 -33.06
CA LYS E 64 -3.58 27.70 -31.74
C LYS E 64 -4.10 29.00 -31.15
N GLY E 65 -4.51 28.95 -29.89
CA GLY E 65 -4.95 30.13 -29.19
C GLY E 65 -6.39 30.52 -29.45
N ARG E 66 -6.80 30.47 -30.71
CA ARG E 66 -8.16 30.86 -31.08
C ARG E 66 -9.21 29.90 -30.56
N PHE E 67 -8.81 28.73 -30.07
CA PHE E 67 -9.73 27.73 -29.56
C PHE E 67 -9.47 27.52 -28.07
N THR E 68 -10.52 27.17 -27.34
CA THR E 68 -10.38 26.75 -25.96
C THR E 68 -11.32 25.59 -25.68
N ILE E 69 -10.80 24.58 -24.99
CA ILE E 69 -11.53 23.36 -24.69
C ILE E 69 -11.51 23.15 -23.18
N SER E 70 -12.67 22.90 -22.60
CA SER E 70 -12.81 22.74 -21.16
C SER E 70 -13.61 21.48 -20.86
N ARG E 71 -13.31 20.88 -19.71
CA ARG E 71 -13.95 19.65 -19.26
C ARG E 71 -14.87 19.96 -18.08
N ASP E 72 -16.09 19.44 -18.14
CA ASP E 72 -17.06 19.58 -17.06
C ASP E 72 -17.40 18.17 -16.58
N ASP E 73 -16.61 17.67 -15.64
CA ASP E 73 -16.82 16.32 -15.11
C ASP E 73 -18.18 16.15 -14.44
N PRO E 74 -18.65 17.05 -13.55
CA PRO E 74 -19.94 16.80 -12.89
C PRO E 74 -21.11 16.67 -13.84
N LYS E 75 -21.15 17.46 -14.92
CA LYS E 75 -22.26 17.42 -15.86
C LYS E 75 -21.99 16.52 -17.06
N ASN E 76 -20.79 15.93 -17.15
CA ASN E 76 -20.44 14.98 -18.21
C ASN E 76 -20.63 15.61 -19.60
N THR E 77 -20.12 16.83 -19.76
CA THR E 77 -20.23 17.55 -21.02
C THR E 77 -18.89 18.19 -21.35
N LEU E 78 -18.53 18.18 -22.63
CA LEU E 78 -17.32 18.83 -23.12
C LEU E 78 -17.68 20.09 -23.89
N PHE E 79 -16.80 21.08 -23.82
CA PHE E 79 -17.02 22.38 -24.44
C PHE E 79 -15.85 22.75 -25.34
N LEU E 80 -16.14 23.54 -26.37
CA LEU E 80 -15.11 24.08 -27.25
C LEU E 80 -15.58 25.46 -27.71
N GLN E 81 -15.12 26.50 -27.03
CA GLN E 81 -15.54 27.87 -27.30
C GLN E 81 -14.67 28.43 -28.43
N MET E 82 -15.23 28.49 -29.63
CA MET E 82 -14.51 28.97 -30.79
C MET E 82 -14.41 30.49 -30.73
N THR E 83 -13.20 31.02 -30.97
CA THR E 83 -12.97 32.45 -31.00
C THR E 83 -12.31 32.84 -32.31
N SER E 84 -12.66 34.03 -32.80
CA SER E 84 -12.18 34.55 -34.08
C SER E 84 -12.40 33.52 -35.20
N LEU E 85 -13.67 33.23 -35.45
CA LEU E 85 -14.03 32.26 -36.47
C LEU E 85 -13.73 32.80 -37.86
N ARG E 86 -13.21 31.93 -38.71
CA ARG E 86 -12.92 32.25 -40.11
C ARG E 86 -13.76 31.35 -41.00
N SER E 87 -13.68 31.60 -42.32
CA SER E 87 -14.43 30.82 -43.28
C SER E 87 -13.72 29.53 -43.68
N GLU E 88 -12.47 29.35 -43.27
CA GLU E 88 -11.71 28.14 -43.62
C GLU E 88 -11.86 27.04 -42.58
N ASP E 89 -12.53 27.30 -41.47
CA ASP E 89 -12.71 26.32 -40.42
C ASP E 89 -14.01 25.52 -40.56
N THR E 90 -14.76 25.73 -41.64
CA THR E 90 -15.99 24.98 -41.84
C THR E 90 -15.68 23.51 -42.04
N ALA E 91 -16.31 22.67 -41.21
CA ALA E 91 -16.02 21.23 -41.18
C ALA E 91 -17.08 20.57 -40.32
N MET E 92 -16.92 19.26 -40.13
CA MET E 92 -17.76 18.48 -39.23
C MET E 92 -16.94 18.10 -38.02
N TYR E 93 -17.34 18.60 -36.85
CA TYR E 93 -16.55 18.43 -35.63
C TYR E 93 -17.02 17.19 -34.86
N TYR E 94 -16.08 16.33 -34.50
CA TYR E 94 -16.35 15.07 -33.84
C TYR E 94 -15.85 15.10 -32.41
N CYS E 95 -16.44 14.24 -31.58
CA CYS E 95 -15.97 13.99 -30.22
C CYS E 95 -15.33 12.61 -30.18
N VAL E 96 -14.04 12.55 -29.87
CA VAL E 96 -13.30 11.31 -29.83
C VAL E 96 -12.79 11.08 -28.42
N ARG E 97 -13.13 9.93 -27.85
CA ARG E 97 -12.70 9.60 -26.51
C ARG E 97 -11.40 8.80 -26.56
N SER E 98 -10.63 8.89 -25.48
CA SER E 98 -9.35 8.20 -25.42
C SER E 98 -8.97 7.96 -23.98
N ILE E 99 -8.49 6.75 -23.69
CA ILE E 99 -7.92 6.41 -22.39
C ILE E 99 -6.54 5.82 -22.66
N TYR E 100 -5.57 6.17 -21.81
CA TYR E 100 -4.19 5.77 -22.03
C TYR E 100 -3.66 5.03 -20.81
N TYR E 101 -3.51 3.72 -20.93
CA TYR E 101 -2.75 2.91 -19.99
C TYR E 101 -2.08 1.80 -20.79
N TYR E 102 -1.47 0.85 -20.10
CA TYR E 102 -0.86 -0.26 -20.81
C TYR E 102 -1.94 -1.13 -21.45
N GLY E 103 -1.81 -1.34 -22.76
CA GLY E 103 -2.83 -2.08 -23.49
C GLY E 103 -4.08 -1.31 -23.80
N SER E 104 -4.05 0.01 -23.68
CA SER E 104 -5.24 0.82 -23.91
C SER E 104 -5.57 0.89 -25.39
N SER E 105 -6.74 1.43 -25.69
CA SER E 105 -7.23 1.57 -27.05
C SER E 105 -7.65 3.02 -27.26
N PRO E 106 -6.69 3.91 -27.50
CA PRO E 106 -7.03 5.31 -27.73
C PRO E 106 -7.89 5.47 -28.98
N PHE E 107 -8.76 6.47 -28.95
CA PHE E 107 -9.66 6.80 -30.06
C PHE E 107 -10.57 5.62 -30.40
N ASP E 108 -11.15 5.00 -29.37
CA ASP E 108 -11.99 3.82 -29.56
C ASP E 108 -13.46 4.17 -29.74
N PHE E 109 -13.81 5.45 -29.79
CA PHE E 109 -15.19 5.84 -30.03
C PHE E 109 -15.24 7.23 -30.65
N TRP E 110 -16.12 7.40 -31.62
CA TRP E 110 -16.36 8.68 -32.27
C TRP E 110 -17.85 8.95 -32.26
N GLY E 111 -18.21 10.18 -31.94
CA GLY E 111 -19.60 10.58 -31.92
C GLY E 111 -20.14 10.83 -33.32
N GLN E 112 -21.43 11.15 -33.37
CA GLN E 112 -22.08 11.42 -34.65
C GLN E 112 -21.46 12.64 -35.33
N GLY E 113 -21.18 13.68 -34.57
CA GLY E 113 -20.54 14.86 -35.10
C GLY E 113 -21.51 16.04 -35.20
N THR E 114 -20.94 17.24 -35.28
CA THR E 114 -21.70 18.46 -35.41
C THR E 114 -21.19 19.26 -36.61
N THR E 115 -22.10 19.95 -37.27
CA THR E 115 -21.80 20.71 -38.48
C THR E 115 -21.70 22.19 -38.15
N LEU E 116 -20.74 22.86 -38.79
CA LEU E 116 -20.56 24.30 -38.61
C LEU E 116 -20.06 24.89 -39.91
N THR E 117 -20.87 25.74 -40.54
CA THR E 117 -20.53 26.38 -41.79
C THR E 117 -20.42 27.88 -41.58
N VAL E 118 -19.32 28.46 -42.07
CA VAL E 118 -19.07 29.90 -41.97
C VAL E 118 -18.97 30.47 -43.37
N SER E 119 -19.77 31.48 -43.66
CA SER E 119 -19.78 32.08 -44.97
C SER E 119 -18.50 32.87 -45.21
N ALA E 120 -18.13 33.01 -46.48
CA ALA E 120 -16.93 33.73 -46.86
C ALA E 120 -17.06 35.23 -46.56
N ALA E 136 6.98 21.83 -38.47
CA ALA E 136 7.87 20.70 -38.23
C ALA E 136 7.11 19.50 -37.68
N ASP E 137 5.87 19.34 -38.12
CA ASP E 137 5.03 18.24 -37.69
C ASP E 137 5.28 16.99 -38.52
N ILE E 138 4.76 15.87 -38.05
CA ILE E 138 4.92 14.59 -38.74
C ILE E 138 3.75 14.48 -39.72
N VAL E 139 3.94 15.09 -40.89
CA VAL E 139 2.90 15.11 -41.91
C VAL E 139 2.91 13.77 -42.63
N MET E 140 1.87 12.96 -42.39
CA MET E 140 1.79 11.66 -43.04
C MET E 140 1.42 11.82 -44.50
N THR E 141 2.01 10.98 -45.35
CA THR E 141 1.84 11.06 -46.80
C THR E 141 0.97 9.91 -47.27
N GLN E 142 -0.07 10.26 -48.05
CA GLN E 142 -0.98 9.27 -48.64
C GLN E 142 -1.11 9.62 -50.11
N ALA E 143 -0.19 9.08 -50.93
CA ALA E 143 -0.19 9.38 -52.36
C ALA E 143 -1.46 8.86 -53.03
N THR E 144 -1.88 7.64 -52.69
CA THR E 144 -3.07 7.07 -53.31
C THR E 144 -4.32 7.81 -52.86
N SER E 145 -5.24 8.02 -53.79
CA SER E 145 -6.51 8.70 -53.51
C SER E 145 -7.71 7.76 -53.57
N SER E 146 -7.87 7.04 -54.67
CA SER E 146 -8.99 6.12 -54.84
C SER E 146 -8.49 4.78 -55.38
N VAL E 147 -9.16 3.71 -54.98
CA VAL E 147 -8.81 2.36 -55.41
C VAL E 147 -10.08 1.57 -55.68
N PRO E 148 -10.25 0.99 -56.87
CA PRO E 148 -11.43 0.14 -57.13
C PRO E 148 -11.19 -1.30 -56.69
N VAL E 149 -11.99 -1.77 -55.73
CA VAL E 149 -11.82 -3.10 -55.15
C VAL E 149 -13.16 -3.83 -55.18
N THR E 150 -13.14 -5.09 -55.64
CA THR E 150 -14.35 -5.89 -55.73
C THR E 150 -14.76 -6.41 -54.34
N PRO E 151 -16.06 -6.59 -54.11
CA PRO E 151 -16.50 -7.16 -52.83
C PRO E 151 -16.18 -8.64 -52.71
N GLY E 152 -15.20 -8.98 -51.90
CA GLY E 152 -14.79 -10.36 -51.74
C GLY E 152 -13.36 -10.61 -52.19
N GLU E 153 -12.56 -9.55 -52.26
CA GLU E 153 -11.17 -9.65 -52.66
C GLU E 153 -10.29 -8.82 -51.73
N SER E 154 -9.03 -9.19 -51.66
CA SER E 154 -8.09 -8.50 -50.78
C SER E 154 -7.69 -7.15 -51.36
N VAL E 155 -7.33 -6.23 -50.47
CA VAL E 155 -6.90 -4.89 -50.85
C VAL E 155 -6.00 -4.35 -49.75
N SER E 156 -4.96 -3.62 -50.14
CA SER E 156 -4.00 -3.06 -49.20
C SER E 156 -3.97 -1.54 -49.33
N ILE E 157 -3.94 -0.86 -48.18
CA ILE E 157 -3.87 0.59 -48.11
C ILE E 157 -2.61 0.97 -47.35
N SER E 158 -1.85 1.91 -47.91
CA SER E 158 -0.55 2.28 -47.36
C SER E 158 -0.44 3.78 -47.20
N CYS E 159 0.23 4.21 -46.13
CA CYS E 159 0.55 5.61 -45.93
C CYS E 159 1.95 5.71 -45.33
N ARG E 160 2.62 6.81 -45.62
CA ARG E 160 4.02 7.00 -45.26
C ARG E 160 4.17 8.14 -44.26
N SER E 161 5.15 8.01 -43.37
CA SER E 161 5.43 8.98 -42.33
C SER E 161 6.81 9.57 -42.51
N SER E 162 6.92 10.89 -42.30
CA SER E 162 8.21 11.56 -42.44
C SER E 162 9.19 11.10 -41.37
N LYS E 163 8.71 10.93 -40.14
CA LYS E 163 9.55 10.58 -39.01
C LYS E 163 9.24 9.16 -38.54
N SER E 164 10.26 8.48 -38.04
CA SER E 164 10.07 7.13 -37.53
C SER E 164 9.11 7.13 -36.35
N LEU E 165 8.18 6.19 -36.36
CA LEU E 165 7.12 6.12 -35.37
C LEU E 165 7.34 4.99 -34.36
N LEU E 166 8.60 4.75 -34.00
CA LEU E 166 8.97 3.70 -33.06
C LEU E 166 9.70 4.33 -31.89
N HIS E 167 8.99 4.55 -30.79
CA HIS E 167 9.61 5.11 -29.61
C HIS E 167 10.52 4.07 -28.94
N SER E 168 11.35 4.54 -28.02
CA SER E 168 12.27 3.64 -27.32
C SER E 168 11.53 2.66 -26.43
N ASN E 169 10.24 2.89 -26.15
CA ASN E 169 9.47 1.97 -25.34
C ASN E 169 9.15 0.67 -26.06
N GLY E 170 9.44 0.58 -27.36
CA GLY E 170 9.18 -0.61 -28.12
C GLY E 170 7.84 -0.66 -28.80
N ASN E 171 6.99 0.35 -28.58
CA ASN E 171 5.66 0.39 -29.18
C ASN E 171 5.66 1.33 -30.37
N THR E 172 5.25 0.84 -31.53
CA THR E 172 5.11 1.66 -32.72
C THR E 172 3.70 2.23 -32.79
N TYR E 173 3.62 3.54 -32.99
CA TYR E 173 2.35 4.26 -32.86
C TYR E 173 1.82 4.64 -34.23
N LEU E 174 0.67 4.05 -34.59
CA LEU E 174 -0.04 4.37 -35.82
C LEU E 174 -1.45 3.83 -35.72
N TYR E 175 -2.44 4.68 -35.98
CA TYR E 175 -3.85 4.32 -35.82
C TYR E 175 -4.53 4.38 -37.18
N TRP E 176 -5.26 3.34 -37.52
CA TRP E 176 -6.03 3.26 -38.76
C TRP E 176 -7.50 3.46 -38.46
N PHE E 177 -8.15 4.31 -39.26
CA PHE E 177 -9.55 4.66 -39.06
C PHE E 177 -10.34 4.42 -40.34
N LEU E 178 -11.65 4.22 -40.17
CA LEU E 178 -12.56 3.95 -41.26
C LEU E 178 -13.79 4.85 -41.13
N GLN E 179 -14.11 5.56 -42.21
CA GLN E 179 -15.30 6.39 -42.26
C GLN E 179 -16.19 5.90 -43.39
N ARG E 180 -17.20 5.11 -43.04
CA ARG E 180 -18.19 4.71 -44.01
C ARG E 180 -19.02 5.92 -44.42
N PRO E 181 -19.56 5.92 -45.64
CA PRO E 181 -20.31 7.10 -46.12
C PRO E 181 -21.46 7.45 -45.19
N GLY E 182 -21.44 8.69 -44.70
CA GLY E 182 -22.51 9.17 -43.84
C GLY E 182 -22.51 8.61 -42.45
N GLN E 183 -21.37 8.11 -41.96
CA GLN E 183 -21.30 7.53 -40.63
C GLN E 183 -20.04 8.02 -39.92
N SER E 184 -20.08 7.97 -38.60
CA SER E 184 -18.96 8.39 -37.79
C SER E 184 -17.77 7.45 -37.99
N PRO E 185 -16.55 7.97 -37.90
CA PRO E 185 -15.37 7.10 -38.06
C PRO E 185 -15.29 6.05 -36.95
N GLN E 186 -14.68 4.92 -37.28
CA GLN E 186 -14.50 3.83 -36.35
C GLN E 186 -13.03 3.45 -36.29
N LEU E 187 -12.64 2.83 -35.18
CA LEU E 187 -11.25 2.43 -34.97
C LEU E 187 -11.07 0.99 -35.43
N LEU E 188 -10.20 0.80 -36.42
CA LEU E 188 -9.89 -0.54 -36.92
C LEU E 188 -8.68 -1.13 -36.20
N ILE E 189 -7.54 -0.46 -36.30
CA ILE E 189 -6.29 -0.95 -35.74
C ILE E 189 -5.64 0.19 -34.96
N TYR E 190 -5.22 -0.08 -33.73
CA TYR E 190 -4.46 0.87 -32.95
C TYR E 190 -3.05 0.36 -32.72
N ARG E 191 -2.07 1.26 -32.84
CA ARG E 191 -0.65 0.95 -32.75
C ARG E 191 -0.21 -0.01 -33.85
N MET E 192 -0.93 0.01 -34.97
CA MET E 192 -0.52 -0.58 -36.24
C MET E 192 -0.40 -2.10 -36.19
N SER E 193 -0.66 -2.71 -35.03
CA SER E 193 -0.62 -4.15 -34.92
C SER E 193 -1.76 -4.76 -34.12
N ASN E 194 -2.54 -3.97 -33.39
CA ASN E 194 -3.58 -4.47 -32.52
C ASN E 194 -4.94 -4.08 -33.06
N LEU E 195 -5.86 -5.03 -33.09
CA LEU E 195 -7.20 -4.81 -33.63
C LEU E 195 -8.17 -4.44 -32.52
N ALA E 196 -8.89 -3.35 -32.71
CA ALA E 196 -9.81 -2.87 -31.69
C ALA E 196 -11.06 -3.75 -31.64
N SER E 197 -11.82 -3.59 -30.56
CA SER E 197 -13.04 -4.37 -30.39
C SER E 197 -14.09 -3.97 -31.41
N GLY E 198 -14.90 -4.95 -31.82
CA GLY E 198 -15.93 -4.72 -32.80
C GLY E 198 -15.47 -4.77 -34.24
N VAL E 199 -14.21 -5.08 -34.50
CA VAL E 199 -13.69 -5.15 -35.85
C VAL E 199 -13.42 -6.61 -36.21
N PRO E 200 -13.78 -7.06 -37.40
CA PRO E 200 -13.49 -8.45 -37.79
C PRO E 200 -11.99 -8.69 -37.92
N ASP E 201 -11.62 -9.97 -37.86
CA ASP E 201 -10.22 -10.37 -37.83
C ASP E 201 -9.51 -10.19 -39.16
N ARG E 202 -10.22 -9.81 -40.23
CA ARG E 202 -9.59 -9.66 -41.54
C ARG E 202 -8.52 -8.57 -41.51
N PHE E 203 -8.80 -7.45 -40.83
CA PHE E 203 -7.87 -6.34 -40.81
C PHE E 203 -6.57 -6.73 -40.11
N SER E 204 -5.45 -6.28 -40.69
CA SER E 204 -4.13 -6.56 -40.12
C SER E 204 -3.16 -5.53 -40.63
N GLY E 205 -2.39 -4.94 -39.72
CA GLY E 205 -1.43 -3.89 -40.05
C GLY E 205 -0.01 -4.35 -39.78
N SER E 206 0.90 -3.95 -40.67
CA SER E 206 2.31 -4.32 -40.54
C SER E 206 3.15 -3.34 -41.34
N GLY E 207 4.43 -3.31 -41.03
CA GLY E 207 5.35 -2.43 -41.72
C GLY E 207 6.49 -2.03 -40.81
N SER E 208 7.33 -1.14 -41.33
CA SER E 208 8.48 -0.63 -40.60
C SER E 208 8.05 0.60 -39.80
N GLY E 209 9.03 1.35 -39.29
CA GLY E 209 8.76 2.56 -38.55
C GLY E 209 8.44 3.77 -39.39
N THR E 210 8.48 3.63 -40.72
CA THR E 210 8.17 4.71 -41.64
C THR E 210 7.06 4.37 -42.62
N ALA E 211 7.06 3.15 -43.18
CA ALA E 211 6.06 2.71 -44.14
C ALA E 211 5.11 1.70 -43.50
N PHE E 212 3.82 1.86 -43.77
CA PHE E 212 2.79 1.04 -43.16
C PHE E 212 1.84 0.51 -44.22
N THR E 213 1.16 -0.58 -43.88
CA THR E 213 0.20 -1.23 -44.77
C THR E 213 -1.00 -1.69 -43.96
N LEU E 214 -2.01 -2.19 -44.68
CA LEU E 214 -3.21 -2.73 -44.03
C LEU E 214 -3.82 -3.76 -44.99
N THR E 215 -3.67 -5.03 -44.66
CA THR E 215 -4.05 -6.13 -45.55
C THR E 215 -5.47 -6.58 -45.22
N ILE E 216 -6.44 -5.95 -45.85
CA ILE E 216 -7.82 -6.41 -45.77
C ILE E 216 -7.95 -7.71 -46.54
N SER E 217 -8.56 -8.71 -45.92
CA SER E 217 -8.60 -10.06 -46.50
C SER E 217 -9.80 -10.25 -47.42
N ARG E 218 -11.01 -10.14 -46.89
CA ARG E 218 -12.25 -10.39 -47.64
C ARG E 218 -13.12 -9.15 -47.55
N LEU E 219 -12.92 -8.21 -48.47
CA LEU E 219 -13.63 -6.94 -48.42
C LEU E 219 -15.10 -7.15 -48.75
N GLU E 220 -15.96 -6.46 -48.02
CA GLU E 220 -17.40 -6.59 -48.20
C GLU E 220 -18.04 -5.22 -48.37
N ALA E 221 -19.38 -5.18 -48.38
CA ALA E 221 -20.07 -3.91 -48.46
C ALA E 221 -19.86 -3.04 -47.22
N GLU E 222 -19.44 -3.64 -46.12
CA GLU E 222 -19.17 -2.88 -44.90
C GLU E 222 -17.77 -2.30 -44.86
N ASP E 223 -16.95 -2.56 -45.87
CA ASP E 223 -15.57 -2.07 -45.92
C ASP E 223 -15.42 -0.95 -46.95
N VAL E 224 -16.50 -0.29 -47.33
CA VAL E 224 -16.46 0.80 -48.29
C VAL E 224 -16.38 2.11 -47.53
N GLY E 225 -15.32 2.88 -47.76
CA GLY E 225 -15.15 4.13 -47.07
C GLY E 225 -13.76 4.69 -47.29
N VAL E 226 -13.37 5.63 -46.44
CA VAL E 226 -12.07 6.28 -46.51
C VAL E 226 -11.24 5.84 -45.31
N TYR E 227 -10.02 5.37 -45.58
CA TYR E 227 -9.11 4.89 -44.55
C TYR E 227 -8.14 5.99 -44.18
N TYR E 228 -8.11 6.36 -42.91
CA TYR E 228 -7.26 7.44 -42.41
C TYR E 228 -6.20 6.87 -41.48
N CYS E 229 -4.94 7.18 -41.76
CA CYS E 229 -3.83 6.75 -40.91
C CYS E 229 -3.39 7.92 -40.04
N MET E 230 -2.95 7.61 -38.83
CA MET E 230 -2.77 8.60 -37.79
C MET E 230 -1.44 8.40 -37.08
N GLN E 231 -0.81 9.49 -36.67
CA GLN E 231 0.44 9.47 -35.92
C GLN E 231 0.19 9.97 -34.51
N HIS E 232 0.66 9.20 -33.52
CA HIS E 232 0.46 9.56 -32.10
C HIS E 232 1.76 9.40 -31.31
N LEU E 233 2.80 10.16 -31.66
CA LEU E 233 4.04 10.13 -30.86
C LEU E 233 4.25 11.55 -30.37
N GLU E 234 4.19 12.52 -31.29
CA GLU E 234 4.33 13.94 -30.91
C GLU E 234 2.92 14.30 -30.49
N TYR E 235 2.67 15.57 -30.19
CA TYR E 235 1.34 15.97 -29.69
C TYR E 235 0.73 16.36 -31.03
N PRO E 236 1.45 17.03 -31.96
CA PRO E 236 0.90 17.30 -33.28
C PRO E 236 0.54 15.85 -33.63
N LEU E 237 -0.75 15.52 -33.63
CA LEU E 237 -1.21 14.12 -33.90
C LEU E 237 -1.67 14.29 -35.34
N THR E 238 -0.73 14.42 -36.28
CA THR E 238 -1.16 14.65 -37.66
C THR E 238 -1.84 13.45 -38.28
N PHE E 239 -3.01 13.67 -38.89
CA PHE E 239 -3.75 12.57 -39.53
C PHE E 239 -3.29 12.52 -40.98
N GLY E 240 -4.07 11.88 -41.85
CA GLY E 240 -3.68 11.74 -43.26
C GLY E 240 -4.77 12.15 -44.22
N ALA E 241 -4.45 12.21 -45.52
CA ALA E 241 -5.44 12.61 -46.54
C ALA E 241 -6.52 11.53 -46.69
N GLY E 242 -6.12 10.26 -46.71
CA GLY E 242 -7.13 9.22 -46.81
C GLY E 242 -7.12 8.54 -48.16
N THR E 243 -7.79 7.39 -48.23
CA THR E 243 -7.88 6.61 -49.44
C THR E 243 -9.33 6.25 -49.70
N LYS E 244 -9.83 6.55 -50.88
CA LYS E 244 -11.20 6.22 -51.24
C LYS E 244 -11.28 4.79 -51.76
N LEU E 245 -12.27 4.05 -51.29
CA LEU E 245 -12.50 2.68 -51.70
C LEU E 245 -13.80 2.59 -52.48
N GLU E 246 -13.74 2.01 -53.68
CA GLU E 246 -14.88 1.89 -54.56
C GLU E 246 -15.07 0.43 -54.96
N LEU E 247 -16.32 0.07 -55.27
CA LEU E 247 -16.64 -1.29 -55.67
C LEU E 247 -16.11 -1.59 -57.07
N THR F 6 -24.22 -43.51 11.68
CA THR F 6 -24.87 -43.09 10.44
C THR F 6 -24.06 -42.00 9.75
N ALA F 7 -24.13 -40.78 10.30
CA ALA F 7 -23.36 -39.68 9.73
C ALA F 7 -21.86 -39.89 9.93
N SER F 8 -21.46 -40.39 11.11
CA SER F 8 -20.04 -40.56 11.40
C SER F 8 -19.42 -41.65 10.52
N ILE F 9 -20.13 -42.76 10.31
CA ILE F 9 -19.57 -43.86 9.55
C ILE F 9 -19.48 -43.53 8.06
N ALA F 10 -20.24 -42.53 7.59
CA ALA F 10 -20.14 -42.13 6.19
C ALA F 10 -18.76 -41.57 5.88
N GLN F 11 -18.19 -40.79 6.81
CA GLN F 11 -16.83 -40.30 6.63
C GLN F 11 -15.84 -41.45 6.58
N ALA F 12 -16.05 -42.49 7.39
CA ALA F 12 -15.19 -43.66 7.34
C ALA F 12 -15.26 -44.36 5.99
N ARG F 13 -16.47 -44.49 5.44
CA ARG F 13 -16.62 -45.12 4.13
C ARG F 13 -15.96 -44.29 3.04
N LYS F 14 -16.11 -42.96 3.10
CA LYS F 14 -15.47 -42.10 2.12
C LYS F 14 -13.95 -42.20 2.23
N LEU F 15 -13.42 -42.23 3.45
CA LEU F 15 -11.98 -42.38 3.64
C LEU F 15 -11.49 -43.71 3.11
N VAL F 16 -12.26 -44.78 3.32
CA VAL F 16 -11.87 -46.09 2.81
C VAL F 16 -11.84 -46.07 1.29
N GLU F 17 -12.85 -45.47 0.66
CA GLU F 17 -12.88 -45.40 -0.79
C GLU F 17 -11.71 -44.58 -1.33
N GLN F 18 -11.41 -43.46 -0.69
CA GLN F 18 -10.29 -42.62 -1.14
C GLN F 18 -8.96 -43.36 -0.97
N LEU F 19 -8.79 -44.08 0.14
CA LEU F 19 -7.57 -44.84 0.35
C LEU F 19 -7.43 -45.94 -0.69
N LYS F 20 -8.53 -46.61 -1.03
CA LYS F 20 -8.48 -47.63 -2.06
C LYS F 20 -8.09 -47.03 -3.41
N MET F 21 -8.67 -45.88 -3.74
CA MET F 21 -8.33 -45.22 -5.00
C MET F 21 -6.86 -44.82 -5.04
N GLU F 22 -6.34 -44.29 -3.93
CA GLU F 22 -4.93 -43.92 -3.87
C GLU F 22 -4.03 -45.15 -3.90
N ALA F 23 -4.55 -46.30 -3.46
CA ALA F 23 -3.74 -47.53 -3.49
C ALA F 23 -3.67 -48.10 -4.90
N ASN F 24 -4.78 -48.04 -5.65
CA ASN F 24 -4.85 -48.66 -6.97
C ASN F 24 -4.18 -47.75 -8.00
N ILE F 25 -2.84 -47.76 -7.99
CA ILE F 25 -2.05 -46.98 -8.92
C ILE F 25 -0.64 -47.54 -8.95
N ASP F 26 -0.02 -47.53 -10.12
CA ASP F 26 1.36 -47.95 -10.30
C ASP F 26 2.29 -46.76 -10.10
N ARG F 27 3.41 -47.00 -9.42
CA ARG F 27 4.36 -45.97 -9.07
C ARG F 27 5.69 -46.21 -9.78
N ILE F 28 6.26 -45.15 -10.35
CA ILE F 28 7.59 -45.23 -10.93
C ILE F 28 8.65 -45.02 -9.85
N LYS F 29 9.87 -45.40 -10.17
CA LYS F 29 10.96 -45.32 -9.20
C LYS F 29 11.43 -43.87 -9.04
N VAL F 30 12.09 -43.62 -7.91
CA VAL F 30 12.61 -42.28 -7.62
C VAL F 30 13.73 -41.92 -8.60
N SER F 31 14.54 -42.91 -8.99
CA SER F 31 15.65 -42.63 -9.89
C SER F 31 15.18 -42.07 -11.22
N LYS F 32 14.10 -42.64 -11.78
CA LYS F 32 13.58 -42.13 -13.05
C LYS F 32 13.07 -40.71 -12.90
N ALA F 33 12.35 -40.42 -11.80
CA ALA F 33 11.84 -39.07 -11.60
C ALA F 33 12.97 -38.07 -11.45
N ALA F 34 14.02 -38.42 -10.70
CA ALA F 34 15.15 -37.53 -10.55
C ALA F 34 15.87 -37.33 -11.87
N ALA F 35 16.00 -38.38 -12.67
CA ALA F 35 16.63 -38.24 -13.98
C ALA F 35 15.82 -37.32 -14.89
N ASP F 36 14.50 -37.46 -14.90
CA ASP F 36 13.67 -36.61 -15.73
C ASP F 36 13.74 -35.16 -15.27
N LEU F 37 13.72 -34.92 -13.96
CA LEU F 37 13.85 -33.56 -13.44
C LEU F 37 15.20 -32.98 -13.79
N MET F 38 16.26 -33.78 -13.71
CA MET F 38 17.59 -33.34 -14.13
C MET F 38 17.60 -32.95 -15.60
N ALA F 39 17.01 -33.79 -16.45
CA ALA F 39 17.01 -33.52 -17.88
C ALA F 39 16.28 -32.21 -18.19
N TYR F 40 15.11 -32.01 -17.58
CA TYR F 40 14.39 -30.76 -17.81
C TYR F 40 15.12 -29.57 -17.22
N CYS F 41 15.80 -29.76 -16.09
CA CYS F 41 16.44 -28.66 -15.39
C CYS F 41 17.72 -28.22 -16.08
N GLU F 42 18.41 -29.14 -16.75
CA GLU F 42 19.59 -28.80 -17.54
C GLU F 42 19.27 -28.53 -19.00
N ALA F 43 18.05 -28.80 -19.44
CA ALA F 43 17.62 -28.52 -20.81
C ALA F 43 16.92 -27.17 -20.95
N HIS F 44 16.85 -26.39 -19.87
CA HIS F 44 16.26 -25.06 -19.92
C HIS F 44 17.08 -24.03 -19.16
N ALA F 45 18.31 -24.37 -18.78
CA ALA F 45 19.13 -23.44 -18.00
C ALA F 45 19.46 -22.19 -18.80
N LYS F 46 19.75 -22.34 -20.09
CA LYS F 46 20.13 -21.20 -20.91
C LYS F 46 19.00 -20.22 -21.13
N GLU F 47 17.76 -20.63 -20.89
CA GLU F 47 16.59 -19.78 -21.10
C GLU F 47 16.05 -19.17 -19.81
N ASP F 48 16.76 -19.32 -18.71
CA ASP F 48 16.28 -18.83 -17.43
C ASP F 48 17.03 -17.57 -17.05
N PRO F 49 16.39 -16.41 -17.05
CA PRO F 49 17.11 -15.17 -16.72
C PRO F 49 17.43 -15.01 -15.24
N LEU F 50 17.24 -16.05 -14.44
CA LEU F 50 17.60 -16.01 -13.03
C LEU F 50 18.85 -16.84 -12.72
N LEU F 51 18.88 -18.10 -13.13
CA LEU F 51 20.06 -18.93 -12.90
C LEU F 51 21.26 -18.41 -13.68
N THR F 52 21.05 -18.08 -14.96
CA THR F 52 22.10 -17.50 -15.79
C THR F 52 21.70 -16.09 -16.17
N PRO F 53 22.25 -15.06 -15.52
CA PRO F 53 21.80 -13.69 -15.78
C PRO F 53 21.98 -13.30 -17.24
N VAL F 54 20.99 -12.58 -17.76
CA VAL F 54 21.01 -12.10 -19.13
C VAL F 54 21.82 -10.79 -19.19
N PRO F 55 22.36 -10.42 -20.34
CA PRO F 55 23.03 -9.11 -20.44
C PRO F 55 22.06 -7.98 -20.19
N ALA F 56 22.60 -6.87 -19.68
CA ALA F 56 21.77 -5.72 -19.32
C ALA F 56 21.02 -5.14 -20.50
N SER F 57 21.51 -5.36 -21.72
CA SER F 57 20.79 -4.88 -22.90
C SER F 57 19.44 -5.58 -23.05
N GLU F 58 19.40 -6.88 -22.78
CA GLU F 58 18.18 -7.66 -22.92
C GLU F 58 17.37 -7.72 -21.63
N ASN F 59 17.82 -7.07 -20.57
CA ASN F 59 17.10 -7.07 -19.30
C ASN F 59 16.09 -5.94 -19.30
N PRO F 60 14.78 -6.24 -19.27
CA PRO F 60 13.79 -5.16 -19.34
C PRO F 60 13.58 -4.42 -18.04
N PHE F 61 14.20 -4.86 -16.94
CA PHE F 61 14.07 -4.20 -15.66
C PHE F 61 15.28 -3.34 -15.32
N ARG F 62 16.17 -3.10 -16.28
CA ARG F 62 17.38 -2.30 -16.05
C ARG F 62 17.02 -0.85 -15.71
#